data_8PHW
#
_entry.id   8PHW
#
_cell.length_a   1.00
_cell.length_b   1.00
_cell.length_c   1.00
_cell.angle_alpha   90.00
_cell.angle_beta   90.00
_cell.angle_gamma   90.00
#
_symmetry.space_group_name_H-M   'P 1'
#
loop_
_entity.id
_entity.type
_entity.pdbx_description
1 polymer 'Solute carrier organic anion transporter family member 1B1'
2 polymer 'Fab18 (heavy chain, variable region)'
3 polymer 'Fab18 (light chain, variable region)'
4 non-polymer 'estrone 3-sulfate'
5 non-polymer 'CHOLESTEROL HEMISUCCINATE'
#
loop_
_entity_poly.entity_id
_entity_poly.type
_entity_poly.pdbx_seq_one_letter_code
_entity_poly.pdbx_strand_id
1 'polypeptide(L)'
;MDQNQHLNKTAEAQPSENKKTRYCNGLKMFLAALSLSFIAKTLGAIIMKSSIIHIERRFEISSSLVGFIDGSFEIGNLLV
IVFVSYFGSKLHRPKLIGIGCFIMGIGGVLTALPHFFMGYYRYSKETNINSSENSTSTLSTCLINQILSLNRASPEIVGK
GCLKESGSYMWIYVFMGNMLRGIGETPIVPLGLSYIDDFAKEGHSSLYLGILNAIAMIGPIIGFTLGSLFSKMYVDIGYV
DLSTIRITPTDSRWVGAWWLNFLVSGLFSIISSIPFFFLPQTPNKPQKERKASLSLHVLETNDEKDQTANLTNQGKNITK
NVTGFFQSFKSILTNPLYVMFVLLTLLQVSSYIGAFTYVFKYVEQQYGQPSSKANILLGVITIPIFASGMFLGGYIIKKF
KLNTVGIAKFSCFTAVMSLSFYLLYFFILCENKSVAGLTMTYDGNNPVTSHRDVPLSYCNSDCNCDESQWEPVCGNNGIT
YISPCLAGCKSSSGNKKPIVFYNCSCLEVTGLQNRNYSAHLGECPRDDACTRKFYFFVAIQVLNLFFSALGGTSHVMLIV
KIVQPELKSLALGFHSMVIRALGGILAPIYFGALIDTTCIKWSTNNCGTRGSCRTYNSTSFSRVYLGLSSMLRVSSLVLY
IILIYAMKKKYQEKDINASENGSVMDEANLESLNKNKHFVPSAGADSETHC
;
A
2 'polypeptide(L)'
;EISEVQLVESGGGLVQPGGSLRLSCAASGFNFSSSSIHWVRQAPGKGLEWVASISSSSGSTSYADSVKGRFTISADTSKN
TAYLQMNSLRAEDTAVYYCARYGWGGPWYYWLRDSRSGIDYWGQGTLVTVSSASTKGPSVSGGTAALGCLVKDYFPEPVT
VSWNSGALTSGVHTFPAVLQSSGLYSLSSVVTVPSSSLGTQTYICNVNHKPSNTKVDKKVEPKSCDKTHT
;
H
3 'polypeptide(L)'
;SDIQMTQSPSSLSASVGDRVTITCRASQSVSSAVAWYQQKPGKAPKLLIYSASSLYSGVPSRFSGSRSGTDFTLTISSLQ
PEDFATYYCQQSSSSLITFGQGTKVEIKRTVAAPSVFIFPPSDSQLKSGTASVVCLLNNFYPREAKVQWKVDNALQSGNS
QESVTEQDSKDSTYSLSSTLTLSKADYEKHKVYACEVTHQGLSSPVTKSFNRGEC
;
L
#
loop_
_chem_comp.id
_chem_comp.type
_chem_comp.name
_chem_comp.formula
FY5 non-polymer 'estrone 3-sulfate' 'C18 H22 O5 S'
Y01 non-polymer 'CHOLESTEROL HEMISUCCINATE' 'C31 H50 O4'
#
# COMPACT_ATOMS: atom_id res chain seq x y z
N GLY A 26 11.21 -16.59 -39.37
CA GLY A 26 12.00 -15.90 -38.37
C GLY A 26 11.30 -14.68 -37.81
N LEU A 27 9.99 -14.59 -38.06
CA LEU A 27 9.21 -13.46 -37.57
C LEU A 27 8.80 -13.66 -36.12
N LYS A 28 9.03 -14.86 -35.57
CA LYS A 28 8.52 -15.19 -34.24
C LYS A 28 9.10 -14.27 -33.17
N MET A 29 10.34 -13.83 -33.34
CA MET A 29 10.89 -12.84 -32.41
C MET A 29 10.10 -11.54 -32.48
N PHE A 30 9.77 -11.09 -33.69
CA PHE A 30 8.92 -9.92 -33.85
C PHE A 30 7.58 -10.13 -33.16
N LEU A 31 6.98 -11.30 -33.34
CA LEU A 31 5.71 -11.60 -32.69
C LEU A 31 5.82 -11.50 -31.18
N ALA A 32 6.90 -12.04 -30.60
CA ALA A 32 7.07 -11.95 -29.16
C ALA A 32 7.25 -10.49 -28.73
N ALA A 33 7.92 -9.70 -29.56
CA ALA A 33 8.10 -8.29 -29.23
C ALA A 33 6.77 -7.57 -29.12
N LEU A 34 5.92 -7.68 -30.14
CA LEU A 34 4.58 -7.10 -30.08
C LEU A 34 3.74 -7.70 -28.96
N SER A 35 3.95 -8.97 -28.61
CA SER A 35 3.25 -9.55 -27.47
C SER A 35 3.62 -8.84 -26.18
N LEU A 36 4.92 -8.64 -25.96
CA LEU A 36 5.34 -7.89 -24.78
C LEU A 36 4.84 -6.45 -24.84
N SER A 37 4.63 -5.92 -26.04
CA SER A 37 4.04 -4.59 -26.16
C SER A 37 2.59 -4.60 -25.71
N PHE A 38 1.84 -5.62 -26.11
CA PHE A 38 0.41 -5.67 -25.81
C PHE A 38 0.17 -5.93 -24.32
N ILE A 39 1.12 -6.62 -23.68
CA ILE A 39 0.96 -6.90 -22.25
C ILE A 39 0.88 -5.60 -21.47
N ALA A 40 1.68 -4.60 -21.85
CA ALA A 40 1.65 -3.33 -21.14
C ALA A 40 0.30 -2.62 -21.29
N LYS A 41 -0.25 -2.62 -22.50
CA LYS A 41 -1.54 -1.96 -22.70
C LYS A 41 -2.66 -2.69 -21.97
N THR A 42 -2.61 -4.02 -21.93
CA THR A 42 -3.63 -4.75 -21.18
C THR A 42 -3.42 -4.62 -19.67
N LEU A 43 -2.24 -4.17 -19.26
CA LEU A 43 -1.99 -3.95 -17.84
C LEU A 43 -2.45 -2.57 -17.39
N GLY A 44 -2.38 -1.60 -18.29
CA GLY A 44 -2.66 -0.21 -17.95
C GLY A 44 -3.97 0.08 -17.24
N ALA A 45 -5.08 -0.28 -17.87
CA ALA A 45 -6.39 0.03 -17.30
C ALA A 45 -6.61 -0.74 -16.00
N ILE A 46 -6.15 -1.99 -15.96
CA ILE A 46 -6.28 -2.84 -14.78
C ILE A 46 -5.55 -2.17 -13.63
N ILE A 47 -4.52 -1.40 -13.93
CA ILE A 47 -3.79 -0.69 -12.89
C ILE A 47 -4.55 0.56 -12.46
N MET A 48 -4.97 1.37 -13.44
CA MET A 48 -5.58 2.65 -13.12
C MET A 48 -6.88 2.51 -12.32
N LYS A 49 -7.76 1.61 -12.76
CA LYS A 49 -9.08 1.51 -12.14
C LYS A 49 -9.01 0.87 -10.77
N SER A 50 -7.87 0.24 -10.46
CA SER A 50 -7.67 -0.25 -9.09
C SER A 50 -7.02 0.82 -8.23
N SER A 51 -6.24 1.71 -8.84
CA SER A 51 -5.62 2.78 -8.08
C SER A 51 -6.61 3.91 -7.77
N ILE A 52 -7.73 3.95 -8.48
CA ILE A 52 -8.69 5.06 -8.31
C ILE A 52 -9.23 5.18 -6.88
N ILE A 53 -9.39 4.06 -6.18
CA ILE A 53 -9.98 4.13 -4.85
C ILE A 53 -8.94 4.56 -3.83
N HIS A 54 -7.67 4.31 -4.11
CA HIS A 54 -6.61 4.72 -3.20
C HIS A 54 -6.17 6.17 -3.43
N ILE A 55 -6.22 6.67 -4.66
CA ILE A 55 -5.78 8.02 -4.94
C ILE A 55 -6.90 9.04 -4.74
N GLU A 56 -8.02 8.65 -4.17
CA GLU A 56 -9.10 9.57 -3.86
C GLU A 56 -9.05 10.04 -2.42
N ARG A 57 -8.50 9.24 -1.52
CA ARG A 57 -8.45 9.59 -0.11
C ARG A 57 -7.18 10.33 0.29
N ARG A 58 -6.10 10.23 -0.49
CA ARG A 58 -4.86 10.92 -0.12
C ARG A 58 -4.92 12.39 -0.53
N PHE A 59 -5.19 12.66 -1.81
CA PHE A 59 -5.36 14.03 -2.25
C PHE A 59 -6.63 14.67 -1.71
N GLU A 60 -7.52 13.88 -1.11
CA GLU A 60 -8.76 14.36 -0.52
C GLU A 60 -9.58 15.17 -1.52
N ILE A 61 -9.97 14.49 -2.61
CA ILE A 61 -10.77 15.09 -3.66
C ILE A 61 -12.10 14.36 -3.76
N SER A 62 -13.14 15.11 -4.11
CA SER A 62 -14.45 14.51 -4.31
C SER A 62 -14.40 13.49 -5.44
N SER A 63 -15.39 12.60 -5.46
CA SER A 63 -15.37 11.53 -6.45
C SER A 63 -15.82 12.00 -7.83
N SER A 64 -16.02 13.30 -8.02
CA SER A 64 -16.35 13.79 -9.36
C SER A 64 -15.09 14.08 -10.17
N LEU A 65 -13.95 14.31 -9.49
CA LEU A 65 -12.70 14.57 -10.18
C LEU A 65 -11.89 13.33 -10.46
N VAL A 66 -12.11 12.24 -9.71
CA VAL A 66 -11.47 10.98 -10.09
C VAL A 66 -12.00 10.53 -11.44
N GLY A 67 -13.24 10.91 -11.76
CA GLY A 67 -13.74 10.71 -13.10
C GLY A 67 -12.91 11.43 -14.14
N PHE A 68 -12.53 12.67 -13.87
CA PHE A 68 -11.75 13.42 -14.84
C PHE A 68 -10.34 12.85 -14.95
N ILE A 69 -9.75 12.44 -13.81
CA ILE A 69 -8.44 11.79 -13.84
C ILE A 69 -8.49 10.54 -14.67
N ASP A 70 -9.57 9.76 -14.57
CA ASP A 70 -9.69 8.55 -15.38
C ASP A 70 -9.89 8.91 -16.85
N GLY A 71 -10.73 9.90 -17.13
CA GLY A 71 -10.98 10.28 -18.51
C GLY A 71 -9.80 10.92 -19.19
N SER A 72 -8.80 11.36 -18.43
CA SER A 72 -7.59 11.91 -19.04
C SER A 72 -6.95 10.89 -19.97
N PHE A 73 -7.07 9.60 -19.64
CA PHE A 73 -6.43 8.56 -20.45
C PHE A 73 -7.12 8.42 -21.81
N GLU A 74 -8.39 8.78 -21.90
CA GLU A 74 -9.05 8.84 -23.19
C GLU A 74 -8.79 10.19 -23.87
N ILE A 75 -8.60 11.24 -23.07
CA ILE A 75 -8.30 12.56 -23.63
C ILE A 75 -7.02 12.51 -24.43
N GLY A 76 -5.98 11.90 -23.85
CA GLY A 76 -4.73 11.79 -24.58
C GLY A 76 -4.85 10.99 -25.86
N ASN A 77 -5.63 9.92 -25.83
CA ASN A 77 -5.79 9.08 -27.01
C ASN A 77 -6.52 9.84 -28.11
N LEU A 78 -7.50 10.66 -27.74
CA LEU A 78 -8.16 11.50 -28.72
C LEU A 78 -7.20 12.55 -29.27
N LEU A 79 -6.36 13.13 -28.40
CA LEU A 79 -5.43 14.16 -28.85
C LEU A 79 -4.46 13.61 -29.88
N VAL A 80 -3.91 12.43 -29.64
CA VAL A 80 -2.96 11.87 -30.61
C VAL A 80 -3.72 11.30 -31.81
N ILE A 81 -5.05 11.43 -31.81
CA ILE A 81 -5.85 11.02 -32.95
C ILE A 81 -6.51 12.25 -33.57
N LYS A 95 9.28 -0.67 -35.34
CA LYS A 95 10.02 0.50 -34.88
C LYS A 95 9.08 1.48 -34.22
N LEU A 96 8.49 2.37 -35.04
CA LEU A 96 7.65 3.44 -34.52
C LEU A 96 6.59 2.92 -33.57
N ILE A 97 6.14 1.69 -33.77
CA ILE A 97 5.17 1.08 -32.86
C ILE A 97 5.78 0.89 -31.48
N GLY A 98 7.11 0.85 -31.38
CA GLY A 98 7.75 0.59 -30.10
C GLY A 98 7.91 1.83 -29.24
N ILE A 99 8.00 3.00 -29.87
CA ILE A 99 8.31 4.22 -29.14
C ILE A 99 7.22 4.54 -28.13
N GLY A 100 5.97 4.19 -28.46
CA GLY A 100 4.88 4.45 -27.54
C GLY A 100 5.04 3.72 -26.22
N CYS A 101 5.71 2.57 -26.24
CA CYS A 101 5.93 1.85 -24.99
C CYS A 101 6.82 2.63 -24.05
N PHE A 102 7.91 3.20 -24.57
CA PHE A 102 8.78 4.01 -23.73
C PHE A 102 8.07 5.28 -23.28
N ILE A 103 7.24 5.86 -24.17
CA ILE A 103 6.47 7.03 -23.76
C ILE A 103 5.52 6.68 -22.62
N MET A 104 4.96 5.47 -22.65
CA MET A 104 4.06 5.03 -21.57
C MET A 104 4.84 4.79 -20.28
N GLY A 105 6.01 4.18 -20.38
CA GLY A 105 6.87 4.08 -19.23
C GLY A 105 7.13 5.45 -18.60
N ILE A 106 7.39 6.45 -19.45
CA ILE A 106 7.58 7.81 -18.96
C ILE A 106 6.33 8.31 -18.27
N GLY A 107 5.16 8.04 -18.87
CA GLY A 107 3.92 8.52 -18.29
C GLY A 107 3.64 7.89 -16.93
N GLY A 108 3.94 6.61 -16.79
CA GLY A 108 3.72 5.93 -15.52
C GLY A 108 4.70 6.37 -14.45
N VAL A 109 5.96 6.60 -14.84
CA VAL A 109 6.94 7.07 -13.87
C VAL A 109 6.60 8.48 -13.41
N LEU A 110 6.14 9.33 -14.34
CA LEU A 110 5.66 10.64 -13.95
C LEU A 110 4.37 10.52 -13.13
N THR A 111 3.63 9.43 -13.31
CA THR A 111 2.42 9.24 -12.54
C THR A 111 2.74 8.98 -11.08
N ALA A 112 3.86 8.33 -10.81
CA ALA A 112 4.28 8.03 -9.45
C ALA A 112 5.21 9.09 -8.87
N LEU A 113 5.85 9.87 -9.72
CA LEU A 113 6.80 10.89 -9.26
C LEU A 113 6.25 11.83 -8.19
N PRO A 114 4.97 12.20 -8.15
CA PRO A 114 4.50 13.10 -7.08
C PRO A 114 4.75 12.58 -5.68
N HIS A 115 4.80 11.27 -5.50
CA HIS A 115 4.91 10.71 -4.15
C HIS A 115 6.28 10.99 -3.54
N PHE A 116 7.34 10.95 -4.34
CA PHE A 116 8.67 11.19 -3.80
C PHE A 116 8.85 12.65 -3.39
N PHE A 117 8.45 13.57 -4.27
CA PHE A 117 8.60 15.01 -4.03
C PHE A 117 7.30 15.57 -3.45
N MET A 118 7.08 15.25 -2.18
CA MET A 118 5.85 15.63 -1.50
C MET A 118 6.00 15.34 -0.02
N GLY A 119 5.07 15.90 0.77
CA GLY A 119 5.11 15.70 2.20
C GLY A 119 4.52 14.37 2.62
N TYR A 120 4.08 14.34 3.87
CA TYR A 120 3.47 13.14 4.42
C TYR A 120 1.94 13.26 4.44
N TYR A 121 1.28 12.12 4.32
CA TYR A 121 -0.18 12.06 4.39
C TYR A 121 -0.61 11.85 5.84
N ARG A 122 -1.48 12.76 6.31
CA ARG A 122 -1.93 12.72 7.69
C ARG A 122 -2.54 11.37 8.02
N TYR A 123 -2.23 10.88 9.21
CA TYR A 123 -2.56 9.51 9.60
C TYR A 123 -3.99 9.41 10.11
N SER A 168 -4.64 21.24 -2.07
CA SER A 168 -3.22 21.05 -2.37
C SER A 168 -2.92 21.42 -3.81
N TYR A 169 -3.90 21.19 -4.69
CA TYR A 169 -3.76 21.47 -6.12
C TYR A 169 -2.55 20.76 -6.71
N MET A 170 -2.32 19.52 -6.27
CA MET A 170 -1.16 18.77 -6.71
C MET A 170 -1.53 17.58 -7.57
N TRP A 171 -2.80 17.17 -7.58
CA TRP A 171 -3.21 16.03 -8.39
C TRP A 171 -2.99 16.30 -9.88
N ILE A 172 -2.69 17.54 -10.23
CA ILE A 172 -2.51 17.95 -11.62
C ILE A 172 -1.52 17.03 -12.30
N TYR A 173 -0.35 16.82 -11.66
CA TYR A 173 0.63 15.90 -12.21
C TYR A 173 -0.02 14.58 -12.60
N VAL A 174 -0.71 13.94 -11.65
CA VAL A 174 -1.38 12.68 -11.95
C VAL A 174 -2.17 12.80 -13.23
N PHE A 175 -3.03 13.82 -13.31
CA PHE A 175 -3.79 14.05 -14.54
C PHE A 175 -2.85 14.12 -15.73
N MET A 176 -1.94 15.10 -15.73
CA MET A 176 -0.95 15.20 -16.79
C MET A 176 -0.32 13.84 -17.06
N GLY A 177 0.11 13.16 -16.00
CA GLY A 177 0.72 11.86 -16.18
C GLY A 177 -0.15 10.94 -16.99
N ASN A 178 -1.40 10.74 -16.55
CA ASN A 178 -2.29 9.84 -17.26
C ASN A 178 -2.43 10.25 -18.72
N MET A 179 -2.54 11.55 -18.98
CA MET A 179 -2.66 11.98 -20.37
C MET A 179 -1.46 11.51 -21.18
N LEU A 180 -0.25 11.73 -20.65
CA LEU A 180 0.96 11.23 -21.29
C LEU A 180 0.80 9.77 -21.68
N ARG A 181 0.29 8.95 -20.75
CA ARG A 181 0.07 7.54 -21.04
C ARG A 181 -0.70 7.36 -22.33
N GLY A 182 -1.86 8.01 -22.43
CA GLY A 182 -2.71 7.86 -23.60
C GLY A 182 -1.96 8.06 -24.90
N ILE A 183 -1.00 8.99 -24.90
CA ILE A 183 -0.21 9.25 -26.11
C ILE A 183 0.35 7.96 -26.67
N GLY A 184 1.12 7.23 -25.85
CA GLY A 184 1.75 6.01 -26.33
C GLY A 184 0.74 5.02 -26.88
N GLU A 185 -0.47 5.03 -26.32
CA GLU A 185 -1.48 4.05 -26.70
C GLU A 185 -1.97 4.25 -28.13
N THR A 186 -1.54 5.30 -28.82
CA THR A 186 -2.14 5.58 -30.12
C THR A 186 -1.58 4.75 -31.27
N PRO A 187 -0.25 4.66 -31.50
CA PRO A 187 0.23 3.92 -32.68
C PRO A 187 0.56 2.46 -32.41
N ILE A 188 0.18 1.96 -31.24
CA ILE A 188 0.64 0.64 -30.84
C ILE A 188 -0.32 -0.43 -31.33
N VAL A 189 -1.59 -0.30 -31.01
CA VAL A 189 -2.57 -1.35 -31.31
C VAL A 189 -2.82 -1.46 -32.80
N PRO A 190 -3.12 -0.37 -33.54
CA PRO A 190 -3.49 -0.58 -34.96
C PRO A 190 -2.31 -0.95 -35.83
N LEU A 191 -1.18 -0.26 -35.69
CA LEU A 191 -0.03 -0.54 -36.54
C LEU A 191 0.45 -1.97 -36.37
N GLY A 192 0.24 -2.55 -35.18
CA GLY A 192 0.52 -3.95 -35.00
C GLY A 192 -0.16 -4.81 -36.06
N LEU A 193 -1.48 -4.84 -36.05
CA LEU A 193 -2.22 -5.62 -37.03
C LEU A 193 -1.90 -5.17 -38.46
N SER A 194 -1.64 -3.87 -38.64
CA SER A 194 -1.37 -3.35 -39.99
C SER A 194 -0.10 -3.98 -40.56
N TYR A 195 1.01 -3.90 -39.84
CA TYR A 195 2.24 -4.53 -40.28
C TYR A 195 2.12 -6.05 -40.26
N ILE A 196 1.22 -6.59 -39.43
CA ILE A 196 1.07 -8.03 -39.32
C ILE A 196 0.44 -8.60 -40.58
N ASP A 197 -0.62 -7.97 -41.07
CA ASP A 197 -1.30 -8.49 -42.26
C ASP A 197 -0.41 -8.36 -43.49
N ASP A 198 0.45 -7.34 -43.53
CA ASP A 198 1.35 -7.17 -44.66
C ASP A 198 2.41 -8.27 -44.68
N PHE A 199 3.17 -8.41 -43.61
CA PHE A 199 4.20 -9.44 -43.55
C PHE A 199 3.57 -10.83 -43.42
N ALA A 200 4.13 -11.77 -44.17
CA ALA A 200 3.66 -13.15 -44.20
C ALA A 200 2.17 -13.24 -44.54
N LEU A 207 -5.40 -15.48 -37.80
CA LEU A 207 -4.62 -16.35 -36.94
C LEU A 207 -3.73 -15.52 -36.02
N TYR A 208 -2.96 -14.61 -36.62
CA TYR A 208 -2.07 -13.77 -35.83
C TYR A 208 -2.83 -12.97 -34.79
N LEU A 209 -3.91 -12.30 -35.21
CA LEU A 209 -4.79 -11.64 -34.25
C LEU A 209 -5.29 -12.64 -33.21
N GLY A 210 -5.59 -13.86 -33.65
CA GLY A 210 -6.08 -14.88 -32.73
C GLY A 210 -5.09 -15.21 -31.63
N ILE A 211 -3.88 -15.65 -32.03
CA ILE A 211 -2.88 -16.02 -31.03
C ILE A 211 -2.48 -14.81 -30.18
N LEU A 212 -2.46 -13.63 -30.80
CA LEU A 212 -2.10 -12.42 -30.05
C LEU A 212 -3.13 -12.14 -28.96
N ASN A 213 -4.41 -12.17 -29.29
CA ASN A 213 -5.42 -11.90 -28.27
C ASN A 213 -5.51 -13.05 -27.28
N ALA A 214 -5.11 -14.24 -27.71
CA ALA A 214 -5.01 -15.35 -26.76
C ALA A 214 -4.00 -15.04 -25.67
N ILE A 215 -2.76 -14.69 -26.06
CA ILE A 215 -1.74 -14.34 -25.10
C ILE A 215 -1.96 -12.94 -24.51
N ALA A 216 -3.00 -12.23 -24.96
CA ALA A 216 -3.25 -10.88 -24.45
C ALA A 216 -3.70 -10.89 -23.00
N MET A 217 -4.65 -11.75 -22.64
CA MET A 217 -5.30 -11.63 -21.35
C MET A 217 -4.42 -12.04 -20.19
N ILE A 218 -3.12 -12.24 -20.40
CA ILE A 218 -2.25 -12.60 -19.29
C ILE A 218 -2.08 -11.41 -18.36
N GLY A 219 -1.58 -10.29 -18.89
CA GLY A 219 -1.34 -9.09 -18.13
C GLY A 219 -2.41 -8.70 -17.14
N PRO A 220 -3.69 -8.85 -17.47
CA PRO A 220 -4.73 -8.54 -16.46
C PRO A 220 -4.61 -9.34 -15.18
N ILE A 221 -4.39 -10.65 -15.24
CA ILE A 221 -4.34 -11.42 -13.99
C ILE A 221 -3.04 -11.11 -13.23
N ILE A 222 -1.94 -10.91 -13.96
CA ILE A 222 -0.71 -10.46 -13.33
C ILE A 222 -0.96 -9.17 -12.55
N GLY A 223 -1.63 -8.21 -13.19
CA GLY A 223 -1.87 -6.94 -12.53
C GLY A 223 -2.84 -7.03 -11.39
N PHE A 224 -3.86 -7.88 -11.52
CA PHE A 224 -4.82 -8.04 -10.44
C PHE A 224 -4.16 -8.66 -9.22
N THR A 225 -3.28 -9.63 -9.43
CA THR A 225 -2.59 -10.24 -8.30
C THR A 225 -1.59 -9.26 -7.68
N LEU A 226 -0.88 -8.50 -8.51
CA LEU A 226 -0.01 -7.46 -7.97
C LEU A 226 -0.80 -6.45 -7.16
N GLY A 227 -1.99 -6.07 -7.65
CA GLY A 227 -2.83 -5.15 -6.89
C GLY A 227 -3.28 -5.76 -5.58
N SER A 228 -3.55 -7.07 -5.58
CA SER A 228 -3.92 -7.74 -4.35
C SER A 228 -2.76 -7.79 -3.38
N LEU A 229 -1.54 -7.80 -3.90
CA LEU A 229 -0.36 -7.86 -3.05
C LEU A 229 0.05 -6.48 -2.55
N PHE A 230 -0.25 -5.43 -3.31
CA PHE A 230 0.14 -4.07 -2.96
C PHE A 230 -0.93 -3.35 -2.15
N SER A 231 -2.19 -3.74 -2.33
CA SER A 231 -3.27 -3.21 -1.50
C SER A 231 -3.18 -3.76 -0.08
N LYS A 232 -2.10 -4.47 0.24
CA LYS A 232 -1.82 -4.92 1.59
C LYS A 232 -0.80 -4.04 2.31
N MET A 233 -0.14 -3.14 1.58
CA MET A 233 0.90 -2.29 2.15
C MET A 233 0.40 -0.86 2.25
N TYR A 234 1.12 -0.06 3.03
CA TYR A 234 0.71 1.31 3.28
C TYR A 234 1.02 2.18 2.06
N VAL A 235 0.79 3.48 2.20
CA VAL A 235 1.04 4.42 1.11
C VAL A 235 2.42 5.02 1.20
N ASP A 236 2.94 5.23 2.40
CA ASP A 236 4.27 5.79 2.62
C ASP A 236 5.23 4.72 3.17
N ILE A 237 5.13 3.49 2.66
CA ILE A 237 6.05 2.44 3.07
C ILE A 237 7.46 2.81 2.64
N GLY A 238 8.44 2.14 3.24
CA GLY A 238 9.82 2.54 3.06
C GLY A 238 10.21 3.81 3.77
N TYR A 239 9.26 4.49 4.42
CA TYR A 239 9.52 5.73 5.10
C TYR A 239 8.87 5.82 6.48
N VAL A 240 8.14 4.81 6.92
CA VAL A 240 7.45 4.83 8.19
C VAL A 240 7.38 3.41 8.73
N ASP A 241 7.49 3.28 10.06
CA ASP A 241 7.41 1.96 10.66
C ASP A 241 5.97 1.46 10.64
N LEU A 242 5.73 0.40 9.86
CA LEU A 242 4.36 -0.08 9.64
C LEU A 242 3.65 -0.40 10.94
N SER A 243 4.40 -0.76 11.98
CA SER A 243 3.78 -1.10 13.25
C SER A 243 3.17 0.13 13.92
N THR A 244 3.71 1.32 13.63
CA THR A 244 3.17 2.54 14.23
C THR A 244 1.90 3.00 13.54
N ILE A 245 1.52 2.34 12.45
CA ILE A 245 0.26 2.62 11.77
C ILE A 245 -0.89 2.06 12.59
N ARG A 246 -1.98 2.82 12.71
CA ARG A 246 -3.13 2.37 13.49
C ARG A 246 -4.30 2.01 12.59
N ILE A 247 -4.38 2.61 11.40
CA ILE A 247 -5.43 2.28 10.45
C ILE A 247 -5.23 0.86 9.94
N THR A 248 -6.33 0.22 9.56
CA THR A 248 -6.33 -1.11 8.99
C THR A 248 -7.09 -1.10 7.66
N PRO A 249 -6.84 -2.07 6.78
CA PRO A 249 -7.48 -2.00 5.45
C PRO A 249 -9.00 -2.07 5.50
N THR A 250 -9.55 -2.76 6.50
CA THR A 250 -11.01 -2.77 6.64
C THR A 250 -11.54 -1.39 7.02
N ASP A 251 -10.70 -0.54 7.60
CA ASP A 251 -11.12 0.81 7.96
C ASP A 251 -11.27 1.67 6.71
N SER A 252 -11.78 2.88 6.90
CA SER A 252 -12.16 3.70 5.77
C SER A 252 -11.00 4.51 5.23
N ARG A 253 -10.18 5.08 6.13
CA ARG A 253 -9.22 6.09 5.72
C ARG A 253 -7.99 5.47 5.04
N TRP A 254 -7.81 4.17 5.19
CA TRP A 254 -6.58 3.49 4.77
C TRP A 254 -6.36 3.62 3.27
N VAL A 255 -5.11 3.88 2.89
CA VAL A 255 -4.71 4.02 1.50
C VAL A 255 -3.41 3.25 1.30
N GLY A 256 -3.35 2.51 0.19
CA GLY A 256 -2.22 1.66 -0.11
C GLY A 256 -1.19 2.33 -1.00
N ALA A 257 -0.30 1.50 -1.55
CA ALA A 257 0.79 1.96 -2.39
C ALA A 257 0.39 1.78 -3.85
N TRP A 258 -0.18 2.84 -4.41
CA TRP A 258 -0.52 2.84 -5.83
C TRP A 258 0.68 3.22 -6.68
N TRP A 259 1.53 4.10 -6.16
CA TRP A 259 2.72 4.55 -6.89
C TRP A 259 3.58 3.37 -7.29
N LEU A 260 3.57 2.31 -6.49
CA LEU A 260 4.34 1.13 -6.85
C LEU A 260 3.72 0.40 -8.03
N ASN A 261 2.38 0.37 -8.09
CA ASN A 261 1.73 -0.20 -9.26
C ASN A 261 2.14 0.54 -10.51
N PHE A 262 2.05 1.87 -10.47
CA PHE A 262 2.45 2.64 -11.64
C PHE A 262 3.92 2.46 -11.96
N LEU A 263 4.75 2.33 -10.93
CA LEU A 263 6.19 2.20 -11.14
C LEU A 263 6.52 0.91 -11.85
N VAL A 264 5.99 -0.21 -11.37
CA VAL A 264 6.27 -1.49 -12.02
C VAL A 264 5.67 -1.50 -13.42
N SER A 265 4.52 -0.86 -13.62
CA SER A 265 3.93 -0.80 -14.95
C SER A 265 4.83 -0.03 -15.91
N GLY A 266 5.32 1.13 -15.48
CA GLY A 266 6.18 1.92 -16.35
C GLY A 266 7.51 1.24 -16.63
N LEU A 267 8.05 0.54 -15.64
CA LEU A 267 9.29 -0.20 -15.87
C LEU A 267 9.08 -1.31 -16.88
N PHE A 268 7.95 -2.01 -16.79
CA PHE A 268 7.65 -3.03 -17.78
C PHE A 268 7.49 -2.42 -19.17
N SER A 269 6.87 -1.24 -19.24
CA SER A 269 6.70 -0.59 -20.53
C SER A 269 8.04 -0.18 -21.12
N ILE A 270 8.94 0.34 -20.27
CA ILE A 270 10.29 0.67 -20.73
C ILE A 270 10.98 -0.55 -21.28
N ILE A 271 10.90 -1.67 -20.55
CA ILE A 271 11.56 -2.89 -21.00
C ILE A 271 10.97 -3.37 -22.31
N SER A 272 9.64 -3.30 -22.44
CA SER A 272 8.99 -3.75 -23.67
C SER A 272 9.30 -2.80 -24.82
N SER A 273 9.79 -1.60 -24.50
CA SER A 273 10.24 -0.70 -25.56
C SER A 273 11.67 -1.01 -25.97
N ILE A 274 12.37 -1.84 -25.20
CA ILE A 274 13.78 -2.12 -25.49
C ILE A 274 13.97 -2.90 -26.77
N PRO A 275 13.22 -3.98 -27.05
CA PRO A 275 13.51 -4.73 -28.28
C PRO A 275 13.22 -3.98 -29.57
N PHE A 276 12.15 -3.18 -29.62
CA PHE A 276 11.77 -2.55 -30.87
C PHE A 276 12.82 -1.56 -31.35
N PHE A 277 13.63 -1.03 -30.43
CA PHE A 277 14.67 -0.08 -30.83
C PHE A 277 15.81 -0.79 -31.56
N PHE A 278 15.83 -2.11 -31.51
CA PHE A 278 16.80 -2.92 -32.24
C PHE A 278 16.13 -3.96 -33.14
N LEU A 279 14.81 -3.86 -33.32
CA LEU A 279 14.10 -4.95 -33.96
C LEU A 279 14.26 -5.00 -35.47
N PRO A 280 14.10 -3.89 -36.23
CA PRO A 280 14.30 -4.06 -37.67
C PRO A 280 15.78 -4.24 -38.04
N VAL A 339 -25.61 2.95 -38.02
CA VAL A 339 -26.18 4.14 -37.43
C VAL A 339 -26.68 3.87 -36.02
N MET A 340 -27.76 3.08 -35.95
CA MET A 340 -28.35 2.74 -34.65
C MET A 340 -27.40 1.90 -33.81
N PHE A 341 -26.52 1.13 -34.47
CA PHE A 341 -25.70 0.16 -33.74
C PHE A 341 -24.68 0.86 -32.84
N VAL A 342 -24.18 2.01 -33.26
CA VAL A 342 -23.23 2.74 -32.42
C VAL A 342 -23.92 3.19 -31.14
N LEU A 343 -25.18 3.61 -31.25
CA LEU A 343 -25.93 3.98 -30.07
C LEU A 343 -26.20 2.78 -29.17
N LEU A 344 -26.63 1.67 -29.80
CA LEU A 344 -26.86 0.43 -29.07
C LEU A 344 -25.63 0.00 -28.27
N THR A 345 -24.45 0.14 -28.86
CA THR A 345 -23.24 -0.34 -28.20
C THR A 345 -22.71 0.68 -27.19
N LEU A 346 -22.93 1.97 -27.43
CA LEU A 346 -22.55 2.97 -26.44
C LEU A 346 -23.36 2.80 -25.17
N LEU A 347 -24.68 2.64 -25.31
CA LEU A 347 -25.55 2.48 -24.16
C LEU A 347 -25.34 1.15 -23.46
N GLN A 348 -24.38 0.34 -23.89
CA GLN A 348 -23.97 -0.84 -23.15
C GLN A 348 -22.56 -0.72 -22.60
N VAL A 349 -21.65 -0.10 -23.33
CA VAL A 349 -20.26 -0.01 -22.88
C VAL A 349 -20.13 1.01 -21.76
N SER A 350 -20.95 2.07 -21.78
CA SER A 350 -20.91 3.04 -20.68
C SER A 350 -21.19 2.36 -19.35
N SER A 351 -22.18 1.47 -19.34
CA SER A 351 -22.49 0.71 -18.13
C SER A 351 -21.28 -0.09 -17.65
N TYR A 352 -20.65 -0.83 -18.55
CA TYR A 352 -19.51 -1.66 -18.15
C TYR A 352 -18.38 -0.82 -17.57
N ILE A 353 -18.05 0.31 -18.21
CA ILE A 353 -16.89 1.06 -17.73
C ILE A 353 -17.19 1.71 -16.39
N GLY A 354 -18.38 2.28 -16.23
CA GLY A 354 -18.74 2.80 -14.91
C GLY A 354 -18.72 1.73 -13.84
N ALA A 355 -19.30 0.57 -14.16
CA ALA A 355 -19.44 -0.46 -13.15
C ALA A 355 -18.09 -1.01 -12.74
N PHE A 356 -17.15 -1.09 -13.69
CA PHE A 356 -15.80 -1.51 -13.32
C PHE A 356 -15.10 -0.44 -12.52
N THR A 357 -15.38 0.83 -12.80
CA THR A 357 -14.72 1.90 -12.07
C THR A 357 -15.18 1.94 -10.62
N TYR A 358 -16.39 1.44 -10.34
CA TYR A 358 -16.93 1.56 -8.99
C TYR A 358 -17.32 0.24 -8.33
N VAL A 359 -16.90 -0.89 -8.90
CA VAL A 359 -17.21 -2.18 -8.27
C VAL A 359 -16.57 -2.29 -6.90
N PHE A 360 -15.38 -1.73 -6.71
CA PHE A 360 -14.74 -1.85 -5.41
C PHE A 360 -15.41 -0.96 -4.37
N LYS A 361 -15.79 0.25 -4.76
CA LYS A 361 -16.63 1.07 -3.90
C LYS A 361 -17.89 0.32 -3.48
N TYR A 362 -18.48 -0.44 -4.39
CA TYR A 362 -19.67 -1.19 -4.00
C TYR A 362 -19.32 -2.30 -3.02
N VAL A 363 -18.35 -3.14 -3.35
CA VAL A 363 -18.07 -4.33 -2.55
C VAL A 363 -17.42 -3.93 -1.23
N GLU A 364 -17.13 -2.66 -1.04
CA GLU A 364 -16.53 -2.21 0.22
C GLU A 364 -17.51 -1.50 1.14
N GLN A 365 -18.66 -1.04 0.65
CA GLN A 365 -19.57 -0.25 1.46
C GLN A 365 -20.90 -0.96 1.68
N GLN A 366 -21.29 -1.89 0.82
CA GLN A 366 -22.47 -2.70 1.10
C GLN A 366 -22.08 -4.05 1.71
N TYR A 367 -21.14 -4.75 1.09
CA TYR A 367 -20.54 -5.95 1.65
C TYR A 367 -19.21 -5.60 2.29
N GLY A 368 -18.77 -6.45 3.20
CA GLY A 368 -17.53 -6.23 3.92
C GLY A 368 -16.30 -6.87 3.31
N GLN A 369 -15.82 -6.37 2.18
CA GLN A 369 -14.71 -7.00 1.48
C GLN A 369 -13.65 -5.96 1.15
N PRO A 370 -12.43 -6.12 1.64
CA PRO A 370 -11.38 -5.13 1.34
C PRO A 370 -10.86 -5.32 -0.08
N SER A 371 -9.85 -4.51 -0.40
CA SER A 371 -9.32 -4.48 -1.76
C SER A 371 -8.65 -5.79 -2.16
N SER A 372 -7.91 -6.42 -1.24
CA SER A 372 -7.13 -7.60 -1.59
C SER A 372 -8.02 -8.77 -1.99
N LYS A 373 -9.01 -9.08 -1.15
CA LYS A 373 -9.90 -10.19 -1.44
C LYS A 373 -10.65 -9.99 -2.74
N ALA A 374 -11.29 -8.84 -2.91
CA ALA A 374 -12.07 -8.60 -4.13
C ALA A 374 -11.17 -8.55 -5.35
N ASN A 375 -9.91 -8.15 -5.17
CA ASN A 375 -8.98 -8.13 -6.29
C ASN A 375 -8.64 -9.53 -6.73
N ILE A 376 -8.12 -10.34 -5.82
CA ILE A 376 -7.64 -11.66 -6.20
C ILE A 376 -8.79 -12.59 -6.57
N LEU A 377 -10.01 -12.30 -6.11
CA LEU A 377 -11.13 -13.15 -6.47
C LEU A 377 -11.56 -12.91 -7.92
N LEU A 378 -11.50 -11.65 -8.37
CA LEU A 378 -11.74 -11.39 -9.78
C LEU A 378 -10.58 -11.85 -10.63
N GLY A 379 -9.35 -11.75 -10.10
CA GLY A 379 -8.19 -12.12 -10.88
C GLY A 379 -8.10 -13.61 -11.12
N VAL A 380 -8.24 -14.41 -10.06
CA VAL A 380 -8.10 -15.85 -10.17
C VAL A 380 -9.26 -16.45 -10.96
N ILE A 381 -10.47 -15.93 -10.76
CA ILE A 381 -11.68 -16.56 -11.23
C ILE A 381 -12.23 -15.88 -12.48
N THR A 382 -12.52 -14.58 -12.41
CA THR A 382 -13.34 -13.96 -13.43
C THR A 382 -12.60 -13.82 -14.75
N ILE A 383 -11.26 -13.69 -14.71
CA ILE A 383 -10.51 -13.45 -15.93
C ILE A 383 -10.31 -14.73 -16.75
N PRO A 384 -9.98 -15.88 -16.16
CA PRO A 384 -9.96 -17.10 -16.97
C PRO A 384 -11.31 -17.43 -17.59
N ILE A 385 -12.40 -17.18 -16.87
CA ILE A 385 -13.72 -17.43 -17.44
C ILE A 385 -14.02 -16.42 -18.54
N PHE A 386 -13.56 -15.18 -18.37
CA PHE A 386 -13.66 -14.20 -19.45
C PHE A 386 -12.94 -14.70 -20.70
N ALA A 387 -11.76 -15.28 -20.52
CA ALA A 387 -11.02 -15.83 -21.64
C ALA A 387 -11.78 -17.00 -22.27
N SER A 388 -12.40 -17.84 -21.43
CA SER A 388 -13.20 -18.94 -21.95
C SER A 388 -14.35 -18.43 -22.80
N GLY A 389 -15.00 -17.36 -22.36
CA GLY A 389 -16.07 -16.79 -23.15
C GLY A 389 -15.58 -16.18 -24.45
N MET A 390 -14.44 -15.48 -24.41
CA MET A 390 -13.90 -14.89 -25.63
C MET A 390 -13.51 -15.97 -26.63
N PHE A 391 -13.04 -17.12 -26.15
CA PHE A 391 -12.73 -18.22 -27.06
C PHE A 391 -13.99 -18.86 -27.59
N LEU A 392 -14.99 -19.06 -26.73
CA LEU A 392 -16.24 -19.69 -27.15
C LEU A 392 -16.97 -18.83 -28.15
N GLY A 393 -16.71 -17.52 -28.17
CA GLY A 393 -17.28 -16.70 -29.21
C GLY A 393 -16.87 -17.16 -30.60
N GLY A 394 -15.57 -17.24 -30.86
CA GLY A 394 -15.09 -17.72 -32.14
C GLY A 394 -15.43 -19.19 -32.38
N TYR A 395 -15.45 -19.98 -31.30
CA TYR A 395 -15.85 -21.38 -31.45
C TYR A 395 -17.31 -21.50 -31.87
N ILE A 396 -18.17 -20.61 -31.39
CA ILE A 396 -19.59 -20.65 -31.71
C ILE A 396 -19.83 -20.17 -33.13
N ILE A 397 -19.12 -19.11 -33.54
CA ILE A 397 -19.24 -18.63 -34.91
C ILE A 397 -19.02 -19.77 -35.90
N LYS A 398 -18.08 -20.66 -35.59
CA LYS A 398 -17.84 -21.80 -36.47
C LYS A 398 -18.81 -22.94 -36.19
N LYS A 399 -19.26 -23.07 -34.94
CA LYS A 399 -20.13 -24.17 -34.56
C LYS A 399 -21.44 -24.12 -35.35
N PHE A 400 -21.99 -22.93 -35.55
CA PHE A 400 -23.20 -22.74 -36.33
C PHE A 400 -23.02 -21.53 -37.22
N LYS A 401 -23.58 -21.59 -38.42
CA LYS A 401 -23.46 -20.47 -39.35
C LYS A 401 -24.40 -19.36 -38.93
N LEU A 402 -23.84 -18.32 -38.30
CA LEU A 402 -24.64 -17.21 -37.82
C LEU A 402 -24.48 -15.99 -38.73
N ASN A 403 -24.47 -16.21 -40.05
CA ASN A 403 -23.93 -15.29 -41.05
C ASN A 403 -24.41 -13.86 -40.80
N THR A 404 -25.70 -13.55 -40.93
CA THR A 404 -26.18 -12.20 -40.65
C THR A 404 -27.29 -12.17 -39.60
N VAL A 405 -28.30 -13.02 -39.74
CA VAL A 405 -29.38 -13.04 -38.77
C VAL A 405 -28.96 -13.81 -37.53
N GLY A 406 -28.07 -14.80 -37.70
CA GLY A 406 -27.62 -15.57 -36.56
C GLY A 406 -26.84 -14.74 -35.55
N ILE A 407 -25.93 -13.89 -36.03
CA ILE A 407 -25.17 -13.05 -35.11
C ILE A 407 -26.07 -12.03 -34.43
N ALA A 408 -27.10 -11.57 -35.15
CA ALA A 408 -28.04 -10.63 -34.54
C ALA A 408 -28.82 -11.30 -33.42
N LYS A 409 -29.38 -12.48 -33.70
CA LYS A 409 -30.02 -13.26 -32.65
C LYS A 409 -29.07 -13.53 -31.49
N PHE A 410 -27.79 -13.78 -31.79
CA PHE A 410 -26.84 -14.11 -30.74
C PHE A 410 -26.54 -12.89 -29.87
N SER A 411 -26.46 -11.71 -30.48
CA SER A 411 -26.25 -10.49 -29.70
C SER A 411 -27.44 -10.21 -28.80
N CYS A 412 -28.65 -10.32 -29.35
CA CYS A 412 -29.84 -10.17 -28.51
C CYS A 412 -29.83 -11.20 -27.38
N PHE A 413 -29.43 -12.43 -27.69
CA PHE A 413 -29.42 -13.49 -26.69
C PHE A 413 -28.42 -13.20 -25.57
N THR A 414 -27.21 -12.80 -25.94
CA THR A 414 -26.20 -12.56 -24.91
C THR A 414 -26.57 -11.35 -24.07
N ALA A 415 -27.15 -10.32 -24.67
CA ALA A 415 -27.61 -9.18 -23.89
C ALA A 415 -28.72 -9.59 -22.92
N VAL A 416 -29.67 -10.39 -23.38
CA VAL A 416 -30.78 -10.79 -22.51
C VAL A 416 -30.27 -11.66 -21.38
N MET A 417 -29.35 -12.59 -21.67
CA MET A 417 -28.77 -13.40 -20.61
C MET A 417 -27.99 -12.55 -19.62
N SER A 418 -27.28 -11.53 -20.12
CA SER A 418 -26.59 -10.59 -19.24
C SER A 418 -27.56 -9.94 -18.26
N LEU A 419 -28.56 -9.24 -18.80
CA LEU A 419 -29.54 -8.58 -17.94
C LEU A 419 -30.28 -9.58 -17.05
N SER A 420 -30.42 -10.82 -17.49
CA SER A 420 -31.10 -11.81 -16.69
C SER A 420 -30.28 -12.18 -15.47
N PHE A 421 -28.97 -12.33 -15.64
CA PHE A 421 -28.11 -12.66 -14.52
C PHE A 421 -27.59 -11.44 -13.78
N TYR A 422 -27.92 -10.23 -14.24
CA TYR A 422 -27.43 -9.02 -13.63
C TYR A 422 -28.44 -8.34 -12.74
N LEU A 423 -29.72 -8.65 -12.88
CA LEU A 423 -30.74 -8.03 -12.04
C LEU A 423 -30.93 -8.77 -10.73
N LEU A 424 -30.07 -9.76 -10.45
CA LEU A 424 -30.16 -10.52 -9.21
C LEU A 424 -29.38 -9.88 -8.07
N TYR A 425 -28.55 -8.87 -8.35
CA TYR A 425 -27.80 -8.21 -7.28
C TYR A 425 -28.75 -7.62 -6.23
N PHE A 426 -30.01 -7.41 -6.61
CA PHE A 426 -30.96 -6.81 -5.69
C PHE A 426 -31.37 -7.78 -4.59
N PHE A 427 -31.50 -9.07 -4.93
CA PHE A 427 -31.99 -10.03 -3.96
C PHE A 427 -30.86 -10.57 -3.10
N ILE A 428 -29.62 -10.17 -3.36
CA ILE A 428 -28.49 -10.53 -2.53
C ILE A 428 -28.17 -9.38 -1.59
N LEU A 429 -28.88 -8.26 -1.77
CA LEU A 429 -28.62 -7.05 -1.00
C LEU A 429 -28.67 -7.32 0.49
N CYS A 430 -27.62 -6.91 1.19
CA CYS A 430 -27.61 -6.95 2.65
C CYS A 430 -28.12 -5.61 3.18
N GLU A 431 -28.85 -5.67 4.30
CA GLU A 431 -29.44 -4.46 4.86
C GLU A 431 -28.35 -3.48 5.25
N ASN A 432 -28.68 -2.18 5.16
CA ASN A 432 -27.71 -1.14 5.42
C ASN A 432 -27.27 -1.18 6.89
N LYS A 433 -26.10 -0.66 7.16
CA LYS A 433 -25.59 -0.60 8.52
C LYS A 433 -26.17 0.60 9.26
N SER A 434 -26.04 0.60 10.58
CA SER A 434 -26.60 1.64 11.43
C SER A 434 -25.47 2.57 11.86
N VAL A 435 -25.45 3.77 11.28
CA VAL A 435 -24.46 4.79 11.62
C VAL A 435 -25.21 5.92 12.30
N ALA A 436 -25.17 5.95 13.63
CA ALA A 436 -25.96 6.92 14.37
C ALA A 436 -25.46 8.33 14.10
N GLY A 437 -26.37 9.30 14.19
CA GLY A 437 -26.02 10.68 13.92
C GLY A 437 -26.00 11.05 12.46
N LEU A 438 -26.11 10.07 11.56
CA LEU A 438 -26.11 10.31 10.12
C LEU A 438 -27.37 9.80 9.44
N THR A 439 -27.83 8.61 9.81
CA THR A 439 -29.11 8.10 9.34
C THR A 439 -30.13 8.16 10.46
N MET A 440 -29.81 7.52 11.57
CA MET A 440 -30.69 7.44 12.74
C MET A 440 -30.14 8.28 13.88
N THR A 441 -31.05 8.90 14.61
CA THR A 441 -30.68 9.73 15.76
C THR A 441 -30.01 8.88 16.83
N TYR A 442 -29.39 9.55 17.80
CA TYR A 442 -28.60 8.86 18.81
C TYR A 442 -29.47 7.91 19.64
N ASP A 443 -30.72 8.29 19.89
CA ASP A 443 -31.66 7.45 20.61
C ASP A 443 -32.91 7.29 19.75
N GLY A 444 -33.46 6.08 19.74
CA GLY A 444 -34.60 5.80 18.90
C GLY A 444 -34.22 5.65 17.44
N ASN A 445 -35.16 5.11 16.67
CA ASN A 445 -34.85 4.76 15.29
C ASN A 445 -35.62 5.64 14.32
N ASN A 446 -35.04 6.81 14.02
CA ASN A 446 -35.67 7.73 13.09
C ASN A 446 -34.63 8.64 12.44
N PRO A 447 -34.85 9.08 11.19
CA PRO A 447 -33.97 10.04 10.53
C PRO A 447 -34.40 11.48 10.76
N VAL A 454 -30.04 18.96 11.62
CA VAL A 454 -29.24 18.05 12.42
C VAL A 454 -29.71 18.08 13.86
N PRO A 455 -30.66 17.23 14.20
CA PRO A 455 -31.19 17.19 15.57
C PRO A 455 -30.24 16.53 16.54
N LEU A 456 -29.28 17.30 17.09
CA LEU A 456 -28.25 16.77 17.96
C LEU A 456 -28.83 15.95 19.11
N SER A 457 -28.01 15.07 19.68
CA SER A 457 -28.47 14.16 20.73
C SER A 457 -28.84 14.94 21.99
N TYR A 458 -29.82 14.40 22.72
CA TYR A 458 -30.12 14.92 24.05
C TYR A 458 -28.92 14.76 24.98
N CYS A 459 -28.18 13.66 24.82
CA CYS A 459 -27.01 13.44 25.67
C CYS A 459 -25.83 14.28 25.20
N ASN A 460 -25.73 14.53 23.90
CA ASN A 460 -24.61 15.30 23.35
C ASN A 460 -24.93 16.78 23.21
N SER A 461 -26.19 17.19 23.42
CA SER A 461 -26.52 18.61 23.37
C SER A 461 -25.75 19.38 24.44
N ASP A 462 -25.51 18.75 25.59
CA ASP A 462 -24.73 19.41 26.63
C ASP A 462 -23.26 19.47 26.28
N CYS A 463 -22.69 18.35 25.84
CA CYS A 463 -21.26 18.30 25.56
C CYS A 463 -20.92 19.20 24.36
N ASN A 464 -19.80 19.89 24.47
CA ASN A 464 -19.34 20.80 23.42
C ASN A 464 -18.30 20.12 22.54
N CYS A 465 -18.70 18.99 21.95
CA CYS A 465 -17.84 18.31 21.01
C CYS A 465 -17.83 19.04 19.67
N ASP A 466 -16.97 18.57 18.77
CA ASP A 466 -16.77 19.20 17.47
C ASP A 466 -17.29 18.26 16.38
N GLU A 467 -18.13 18.79 15.51
CA GLU A 467 -18.62 18.04 14.37
C GLU A 467 -17.53 17.93 13.30
N SER A 468 -17.86 17.19 12.24
CA SER A 468 -17.05 17.15 11.01
C SER A 468 -15.64 16.64 11.25
N GLN A 469 -15.52 15.38 11.66
CA GLN A 469 -14.27 14.63 11.59
C GLN A 469 -14.60 13.16 11.80
N TRP A 470 -14.03 12.28 10.98
CA TRP A 470 -14.37 10.86 11.02
C TRP A 470 -13.27 10.08 11.74
N GLU A 471 -13.62 9.51 12.89
CA GLU A 471 -12.75 8.64 13.66
C GLU A 471 -13.67 7.76 14.49
N PRO A 472 -14.10 6.63 13.95
CA PRO A 472 -15.31 5.97 14.45
C PRO A 472 -15.07 5.02 15.60
N VAL A 473 -16.17 4.53 16.15
CA VAL A 473 -16.20 3.54 17.22
C VAL A 473 -17.31 2.56 16.87
N CYS A 474 -17.33 1.43 17.56
CA CYS A 474 -18.35 0.41 17.35
C CYS A 474 -18.98 0.05 18.68
N GLY A 475 -20.21 0.50 18.90
CA GLY A 475 -20.94 0.07 20.08
C GLY A 475 -21.14 -1.42 20.11
N ASN A 476 -21.27 -1.95 21.32
CA ASN A 476 -21.51 -3.39 21.47
C ASN A 476 -22.80 -3.81 20.79
N ASN A 477 -23.76 -2.91 20.67
CA ASN A 477 -25.05 -3.27 20.09
C ASN A 477 -24.95 -3.46 18.59
N GLY A 478 -24.02 -2.77 17.94
CA GLY A 478 -23.88 -2.88 16.50
C GLY A 478 -24.13 -1.58 15.78
N ILE A 479 -24.01 -0.46 16.49
CA ILE A 479 -24.19 0.87 15.94
C ILE A 479 -22.86 1.60 16.04
N THR A 480 -22.48 2.29 14.97
CA THR A 480 -21.19 2.97 14.89
C THR A 480 -21.36 4.47 15.06
N TYR A 481 -20.61 5.04 16.01
CA TYR A 481 -20.70 6.46 16.31
C TYR A 481 -19.47 7.15 15.74
N ILE A 482 -19.61 8.45 15.50
CA ILE A 482 -18.68 9.15 14.59
C ILE A 482 -17.31 9.33 15.26
N SER A 483 -17.30 9.56 16.56
CA SER A 483 -16.03 9.73 17.25
C SER A 483 -16.24 9.57 18.74
N PRO A 484 -15.22 9.12 19.48
CA PRO A 484 -15.40 8.91 20.94
C PRO A 484 -15.94 10.14 21.66
N CYS A 485 -15.79 11.33 21.08
CA CYS A 485 -16.34 12.52 21.72
C CYS A 485 -17.86 12.43 21.82
N LEU A 486 -18.52 11.91 20.79
CA LEU A 486 -19.97 11.87 20.79
C LEU A 486 -20.50 10.84 21.77
N ALA A 487 -19.65 9.94 22.24
CA ALA A 487 -20.09 8.93 23.19
C ALA A 487 -18.95 8.48 24.09
N ALA A 519 -18.04 -0.09 21.64
CA ALA A 519 -16.95 -0.81 22.28
C ALA A 519 -15.60 -0.14 22.04
N HIS A 520 -15.04 -0.35 20.85
CA HIS A 520 -13.65 -0.01 20.59
C HIS A 520 -13.52 0.76 19.29
N LEU A 521 -12.31 1.27 19.05
CA LEU A 521 -12.01 1.98 17.82
C LEU A 521 -12.09 1.06 16.62
N GLY A 522 -12.80 1.51 15.58
CA GLY A 522 -13.11 0.75 14.40
C GLY A 522 -14.56 0.95 14.03
N GLU A 523 -15.16 -0.08 13.43
CA GLU A 523 -16.57 -0.07 13.09
C GLU A 523 -17.19 -1.42 13.43
N CYS A 524 -18.50 -1.53 13.25
CA CYS A 524 -19.18 -2.79 13.52
C CYS A 524 -19.33 -3.58 12.24
N PRO A 525 -18.57 -4.66 12.06
CA PRO A 525 -18.68 -5.44 10.82
C PRO A 525 -20.02 -6.14 10.75
N ARG A 526 -20.47 -6.41 9.52
CA ARG A 526 -21.77 -7.03 9.33
C ARG A 526 -21.74 -8.48 9.84
N ASP A 527 -22.94 -9.01 10.06
CA ASP A 527 -23.08 -10.37 10.52
C ASP A 527 -22.59 -11.36 9.45
N ASP A 528 -22.49 -12.62 9.84
CA ASP A 528 -21.98 -13.65 8.93
C ASP A 528 -22.85 -13.74 7.68
N ALA A 529 -24.10 -13.29 7.77
CA ALA A 529 -25.00 -13.34 6.63
C ALA A 529 -24.41 -12.66 5.40
N CYS A 530 -23.91 -11.43 5.56
CA CYS A 530 -23.36 -10.72 4.41
C CYS A 530 -22.05 -11.35 3.95
N THR A 531 -21.23 -11.82 4.89
CA THR A 531 -19.98 -12.47 4.51
C THR A 531 -20.24 -13.71 3.68
N ARG A 532 -21.37 -14.38 3.90
CA ARG A 532 -21.74 -15.52 3.06
C ARG A 532 -22.36 -15.05 1.75
N LYS A 533 -23.12 -13.95 1.79
CA LYS A 533 -23.74 -13.44 0.58
C LYS A 533 -22.70 -12.94 -0.42
N PHE A 534 -21.50 -12.61 0.06
CA PHE A 534 -20.48 -12.11 -0.86
C PHE A 534 -20.12 -13.16 -1.92
N TYR A 535 -20.11 -14.44 -1.55
CA TYR A 535 -19.79 -15.47 -2.52
C TYR A 535 -20.89 -15.59 -3.58
N PHE A 536 -22.15 -15.37 -3.19
CA PHE A 536 -23.22 -15.30 -4.18
C PHE A 536 -23.00 -14.13 -5.13
N PHE A 537 -22.59 -13.00 -4.58
CA PHE A 537 -22.21 -11.86 -5.41
C PHE A 537 -21.13 -12.27 -6.40
N VAL A 538 -20.14 -13.04 -5.94
CA VAL A 538 -19.03 -13.43 -6.81
C VAL A 538 -19.51 -14.35 -7.92
N ALA A 539 -20.36 -15.32 -7.58
CA ALA A 539 -20.87 -16.23 -8.60
C ALA A 539 -21.71 -15.50 -9.63
N ILE A 540 -22.57 -14.58 -9.18
CA ILE A 540 -23.40 -13.82 -10.12
C ILE A 540 -22.53 -12.95 -11.01
N GLN A 541 -21.45 -12.37 -10.45
CA GLN A 541 -20.57 -11.54 -11.26
C GLN A 541 -19.84 -12.38 -12.30
N VAL A 542 -19.37 -13.56 -11.91
CA VAL A 542 -18.72 -14.45 -12.88
C VAL A 542 -19.69 -14.81 -14.00
N LEU A 543 -20.92 -15.18 -13.66
CA LEU A 543 -21.88 -15.56 -14.68
C LEU A 543 -22.24 -14.40 -15.58
N ASN A 544 -22.31 -13.19 -15.02
CA ASN A 544 -22.66 -12.03 -15.84
C ASN A 544 -21.54 -11.71 -16.83
N LEU A 545 -20.31 -11.57 -16.34
CA LEU A 545 -19.19 -11.35 -17.24
C LEU A 545 -19.10 -12.46 -18.29
N PHE A 546 -19.40 -13.70 -17.92
CA PHE A 546 -19.39 -14.78 -18.89
C PHE A 546 -20.39 -14.53 -19.99
N PHE A 547 -21.67 -14.38 -19.63
CA PHE A 547 -22.70 -14.23 -20.66
C PHE A 547 -22.52 -12.94 -21.45
N SER A 548 -21.66 -12.04 -20.97
CA SER A 548 -21.32 -10.88 -21.79
C SER A 548 -20.20 -11.19 -22.77
N ALA A 549 -19.24 -12.01 -22.34
CA ALA A 549 -18.05 -12.26 -23.16
C ALA A 549 -18.40 -12.95 -24.47
N LEU A 550 -19.57 -13.61 -24.54
CA LEU A 550 -19.95 -14.30 -25.77
C LEU A 550 -20.20 -13.32 -26.90
N GLY A 551 -20.99 -12.28 -26.65
CA GLY A 551 -21.22 -11.28 -27.69
C GLY A 551 -20.12 -10.24 -27.76
N GLY A 552 -19.31 -10.14 -26.70
CA GLY A 552 -18.22 -9.19 -26.72
C GLY A 552 -17.28 -9.37 -27.89
N THR A 553 -17.16 -10.60 -28.39
CA THR A 553 -16.30 -10.85 -29.55
C THR A 553 -17.10 -10.78 -30.84
N SER A 554 -18.37 -11.19 -30.80
CA SER A 554 -19.18 -11.19 -32.02
C SER A 554 -19.49 -9.77 -32.50
N HIS A 555 -19.41 -8.80 -31.59
CA HIS A 555 -19.74 -7.42 -31.95
C HIS A 555 -18.94 -6.95 -33.16
N VAL A 556 -17.63 -7.18 -33.15
CA VAL A 556 -16.80 -6.73 -34.27
C VAL A 556 -17.14 -7.53 -35.52
N MET A 557 -17.52 -8.80 -35.36
CA MET A 557 -17.91 -9.60 -36.51
C MET A 557 -19.18 -9.05 -37.17
N LEU A 558 -20.05 -8.44 -36.37
CA LEU A 558 -21.33 -7.98 -36.91
C LEU A 558 -21.13 -6.83 -37.90
N ILE A 559 -20.29 -5.87 -37.56
CA ILE A 559 -20.11 -4.70 -38.42
C ILE A 559 -19.26 -5.08 -39.62
N SER A 569 -15.77 -0.06 -43.68
CA SER A 569 -14.55 -0.31 -42.92
C SER A 569 -14.27 0.83 -41.94
N LEU A 570 -14.16 2.04 -42.48
CA LEU A 570 -13.95 3.21 -41.64
C LEU A 570 -15.05 3.34 -40.58
N ALA A 571 -16.20 2.72 -40.83
CA ALA A 571 -17.28 2.72 -39.83
C ALA A 571 -16.84 2.01 -38.56
N LEU A 572 -16.05 0.94 -38.70
CA LEU A 572 -15.44 0.31 -37.53
C LEU A 572 -14.65 1.33 -36.73
N GLY A 573 -13.84 2.13 -37.42
CA GLY A 573 -13.05 3.13 -36.73
C GLY A 573 -13.91 4.19 -36.07
N PHE A 574 -14.98 4.61 -36.75
CA PHE A 574 -15.84 5.64 -36.18
C PHE A 574 -16.53 5.14 -34.91
N HIS A 575 -17.10 3.93 -34.99
CA HIS A 575 -17.71 3.33 -33.80
C HIS A 575 -16.71 3.20 -32.68
N SER A 576 -15.50 2.70 -32.98
CA SER A 576 -14.48 2.54 -31.96
C SER A 576 -14.15 3.87 -31.30
N MET A 577 -13.86 4.89 -32.12
CA MET A 577 -13.49 6.19 -31.58
C MET A 577 -14.62 6.77 -30.73
N VAL A 578 -15.85 6.63 -31.19
CA VAL A 578 -16.97 7.26 -30.48
C VAL A 578 -17.19 6.59 -29.14
N ILE A 579 -17.23 5.25 -29.12
CA ILE A 579 -17.43 4.56 -27.85
C ILE A 579 -16.28 4.90 -26.91
N ARG A 580 -15.03 4.81 -27.39
CA ARG A 580 -13.88 5.16 -26.55
C ARG A 580 -14.03 6.55 -25.95
N ALA A 581 -14.13 7.58 -26.78
CA ALA A 581 -14.23 8.95 -26.29
C ALA A 581 -15.36 9.12 -25.30
N LEU A 582 -16.61 8.91 -25.75
CA LEU A 582 -17.75 9.20 -24.89
C LEU A 582 -17.73 8.36 -23.63
N GLY A 583 -17.68 7.03 -23.77
CA GLY A 583 -17.68 6.18 -22.58
C GLY A 583 -16.55 6.54 -21.63
N GLY A 584 -15.31 6.43 -22.08
CA GLY A 584 -14.17 6.73 -21.24
C GLY A 584 -14.25 8.05 -20.51
N ILE A 585 -14.45 9.16 -21.23
CA ILE A 585 -14.40 10.45 -20.57
C ILE A 585 -15.63 10.67 -19.70
N LEU A 586 -16.82 10.25 -20.15
CA LEU A 586 -18.05 10.69 -19.51
C LEU A 586 -18.54 9.76 -18.42
N ALA A 587 -18.20 8.47 -18.47
CA ALA A 587 -18.82 7.54 -17.53
C ALA A 587 -18.43 7.80 -16.08
N PRO A 588 -17.16 7.83 -15.69
CA PRO A 588 -16.86 8.06 -14.28
C PRO A 588 -17.34 9.41 -13.79
N ILE A 589 -17.49 10.39 -14.69
CA ILE A 589 -17.92 11.72 -14.26
C ILE A 589 -19.35 11.66 -13.74
N TYR A 590 -20.30 11.19 -14.56
CA TYR A 590 -21.67 11.16 -14.10
C TYR A 590 -21.87 10.12 -13.00
N PHE A 591 -21.14 9.02 -13.06
CA PHE A 591 -21.25 8.05 -11.96
C PHE A 591 -20.83 8.69 -10.64
N GLY A 592 -19.72 9.43 -10.64
CA GLY A 592 -19.25 10.04 -9.42
C GLY A 592 -20.16 11.16 -8.94
N ALA A 593 -20.80 11.86 -9.88
CA ALA A 593 -21.74 12.90 -9.49
C ALA A 593 -22.86 12.33 -8.62
N LEU A 594 -23.53 11.30 -9.13
CA LEU A 594 -24.63 10.70 -8.38
C LEU A 594 -24.14 10.04 -7.10
N ILE A 595 -23.01 9.32 -7.16
CA ILE A 595 -22.51 8.69 -5.94
C ILE A 595 -22.15 9.74 -4.91
N ASP A 596 -21.78 10.95 -5.35
CA ASP A 596 -21.58 12.04 -4.41
C ASP A 596 -22.89 12.63 -3.93
N THR A 597 -23.98 12.44 -4.67
CA THR A 597 -25.27 12.89 -4.17
C THR A 597 -25.74 12.05 -2.97
N THR A 598 -25.07 10.95 -2.66
CA THR A 598 -25.39 10.10 -1.52
C THR A 598 -24.11 9.87 -0.74
N CYS A 599 -23.79 10.80 0.15
CA CYS A 599 -22.62 10.67 1.02
C CYS A 599 -22.93 11.43 2.30
N ILE A 600 -23.09 10.70 3.40
CA ILE A 600 -23.60 11.31 4.62
C ILE A 600 -22.58 12.28 5.21
N LYS A 601 -21.39 11.78 5.54
CA LYS A 601 -20.38 12.61 6.20
C LYS A 601 -19.16 12.76 5.31
N TRP A 602 -18.62 13.97 5.31
CA TRP A 602 -17.48 14.37 4.48
C TRP A 602 -16.31 14.76 5.39
N SER A 603 -15.25 15.26 4.76
CA SER A 603 -14.05 15.68 5.45
C SER A 603 -13.78 17.14 5.12
N THR A 604 -13.09 17.83 6.02
CA THR A 604 -12.74 19.24 5.83
C THR A 604 -11.24 19.37 5.73
N ASN A 605 -10.79 20.16 4.75
CA ASN A 605 -9.37 20.42 4.55
C ASN A 605 -9.18 21.92 4.34
N ASN A 606 -9.14 22.66 5.45
CA ASN A 606 -8.76 24.07 5.49
C ASN A 606 -9.80 24.97 4.83
N CYS A 607 -10.76 24.36 4.12
CA CYS A 607 -11.87 25.06 3.48
C CYS A 607 -12.73 24.05 2.74
N GLY A 608 -13.87 24.51 2.19
CA GLY A 608 -14.48 23.89 1.03
C GLY A 608 -14.50 22.38 1.05
N THR A 609 -15.33 21.76 1.89
CA THR A 609 -15.13 20.40 2.40
C THR A 609 -14.64 19.51 1.28
N ARG A 610 -15.46 19.21 0.27
CA ARG A 610 -15.03 18.49 -0.95
C ARG A 610 -14.03 17.38 -0.64
N GLY A 611 -14.19 16.77 0.53
CA GLY A 611 -13.29 15.72 0.94
C GLY A 611 -13.80 14.36 0.55
N SER A 612 -12.87 13.43 0.38
CA SER A 612 -13.25 12.08 -0.04
C SER A 612 -14.33 11.54 0.90
N CYS A 613 -15.36 10.96 0.30
CA CYS A 613 -16.46 10.42 1.10
C CYS A 613 -15.94 9.35 2.04
N ARG A 614 -16.36 9.42 3.31
CA ARG A 614 -15.88 8.48 4.31
C ARG A 614 -16.99 7.60 4.88
N THR A 615 -18.21 7.70 4.37
CA THR A 615 -19.28 6.78 4.72
C THR A 615 -20.42 7.01 3.74
N TYR A 616 -21.00 5.92 3.24
CA TYR A 616 -22.11 5.99 2.31
C TYR A 616 -23.36 5.41 2.94
N ASN A 617 -24.47 6.12 2.82
CA ASN A 617 -25.77 5.57 3.16
C ASN A 617 -26.07 4.47 2.14
N SER A 618 -25.96 3.21 2.58
CA SER A 618 -25.74 2.11 1.66
C SER A 618 -26.94 1.84 0.77
N THR A 619 -28.14 2.03 1.30
CA THR A 619 -29.33 1.76 0.49
C THR A 619 -29.45 2.74 -0.67
N SER A 620 -29.17 4.02 -0.42
CA SER A 620 -29.13 4.98 -1.52
C SER A 620 -28.02 4.63 -2.50
N PHE A 621 -26.90 4.11 -2.00
CA PHE A 621 -25.82 3.65 -2.87
C PHE A 621 -26.32 2.56 -3.81
N SER A 622 -26.96 1.54 -3.26
CA SER A 622 -27.48 0.46 -4.09
C SER A 622 -28.47 1.00 -5.10
N ARG A 623 -29.42 1.83 -4.65
CA ARG A 623 -30.41 2.37 -5.56
C ARG A 623 -29.75 3.09 -6.73
N VAL A 624 -28.86 4.03 -6.45
CA VAL A 624 -28.27 4.83 -7.51
C VAL A 624 -27.42 3.98 -8.43
N TYR A 625 -26.46 3.23 -7.87
CA TYR A 625 -25.56 2.41 -8.67
C TYR A 625 -26.34 1.43 -9.54
N LEU A 626 -27.08 0.51 -8.91
CA LEU A 626 -27.78 -0.51 -9.66
C LEU A 626 -28.85 0.08 -10.56
N GLY A 627 -29.42 1.23 -10.19
CA GLY A 627 -30.47 1.81 -11.01
C GLY A 627 -29.95 2.40 -12.29
N LEU A 628 -28.87 3.17 -12.20
CA LEU A 628 -28.25 3.68 -13.42
C LEU A 628 -27.79 2.53 -14.30
N SER A 629 -27.12 1.54 -13.70
CA SER A 629 -26.68 0.40 -14.49
C SER A 629 -27.85 -0.28 -15.20
N SER A 630 -28.92 -0.58 -14.46
CA SER A 630 -30.01 -1.37 -15.02
C SER A 630 -30.81 -0.57 -16.05
N MET A 631 -31.06 0.71 -15.77
CA MET A 631 -31.78 1.53 -16.74
C MET A 631 -30.99 1.66 -18.03
N LEU A 632 -29.67 1.82 -17.94
CA LEU A 632 -28.87 1.87 -19.15
C LEU A 632 -28.91 0.55 -19.90
N ARG A 633 -28.86 -0.57 -19.17
CA ARG A 633 -28.92 -1.88 -19.81
C ARG A 633 -30.22 -2.04 -20.58
N VAL A 634 -31.35 -1.66 -19.96
CA VAL A 634 -32.64 -1.83 -20.64
C VAL A 634 -32.79 -0.85 -21.78
N SER A 635 -32.20 0.34 -21.66
CA SER A 635 -32.20 1.28 -22.77
C SER A 635 -31.44 0.73 -23.97
N SER A 636 -30.39 -0.05 -23.71
CA SER A 636 -29.72 -0.73 -24.81
C SER A 636 -30.54 -1.91 -25.32
N LEU A 637 -31.25 -2.59 -24.42
CA LEU A 637 -32.00 -3.78 -24.81
C LEU A 637 -33.15 -3.42 -25.75
N VAL A 638 -33.84 -2.31 -25.48
CA VAL A 638 -34.95 -1.93 -26.35
C VAL A 638 -34.44 -1.60 -27.75
N LEU A 639 -33.25 -1.02 -27.83
CA LEU A 639 -32.64 -0.76 -29.13
C LEU A 639 -32.27 -2.06 -29.84
N TYR A 640 -31.75 -3.04 -29.09
CA TYR A 640 -31.51 -4.36 -29.67
C TYR A 640 -32.78 -4.93 -30.25
N ILE A 641 -33.88 -4.82 -29.52
CA ILE A 641 -35.16 -5.36 -29.99
C ILE A 641 -35.58 -4.66 -31.28
N ILE A 642 -35.51 -3.33 -31.29
CA ILE A 642 -35.86 -2.58 -32.50
C ILE A 642 -35.00 -3.04 -33.67
N LEU A 643 -33.69 -3.20 -33.45
CA LEU A 643 -32.80 -3.57 -34.53
C LEU A 643 -33.15 -4.95 -35.09
N ILE A 644 -33.27 -5.95 -34.22
CA ILE A 644 -33.57 -7.30 -34.69
C ILE A 644 -34.94 -7.33 -35.35
N TYR A 645 -35.85 -6.42 -34.95
CA TYR A 645 -37.12 -6.30 -35.65
C TYR A 645 -36.93 -5.80 -37.07
N ALA A 646 -36.12 -4.76 -37.25
CA ALA A 646 -35.84 -4.22 -38.57
C ALA A 646 -34.93 -5.16 -39.36
N VAL B 5 7.95 -4.18 21.60
CA VAL B 5 7.07 -3.44 22.50
C VAL B 5 7.60 -3.52 23.92
N GLN B 6 7.94 -4.73 24.35
CA GLN B 6 8.55 -4.95 25.65
C GLN B 6 9.48 -6.15 25.60
N LEU B 7 10.68 -6.00 26.15
CA LEU B 7 11.66 -7.09 26.24
C LEU B 7 12.11 -7.19 27.68
N VAL B 8 11.87 -8.34 28.31
CA VAL B 8 12.13 -8.53 29.73
C VAL B 8 13.17 -9.62 29.89
N GLU B 9 14.20 -9.33 30.70
CA GLU B 9 15.21 -10.31 31.03
C GLU B 9 14.93 -10.89 32.42
N SER B 10 15.30 -12.15 32.59
CA SER B 10 15.14 -12.84 33.86
C SER B 10 16.31 -13.78 34.06
N GLY B 11 16.57 -14.08 35.32
CA GLY B 11 17.76 -14.82 35.72
C GLY B 11 18.85 -13.89 36.19
N GLY B 12 19.83 -14.46 36.89
CA GLY B 12 20.93 -13.67 37.38
C GLY B 12 20.95 -13.57 38.90
N GLY B 13 22.13 -13.72 39.48
CA GLY B 13 22.25 -13.73 40.93
C GLY B 13 23.66 -13.45 41.38
N LEU B 14 24.12 -14.18 42.40
CA LEU B 14 25.41 -13.94 43.03
C LEU B 14 26.22 -15.22 43.06
N VAL B 15 26.33 -15.87 41.89
CA VAL B 15 27.04 -17.13 41.80
C VAL B 15 28.49 -16.95 42.25
N GLN B 16 28.97 -17.89 43.06
CA GLN B 16 30.34 -17.87 43.53
C GLN B 16 31.31 -17.93 42.35
N PRO B 17 32.54 -17.45 42.53
CA PRO B 17 33.49 -17.43 41.41
C PRO B 17 33.65 -18.82 40.80
N GLY B 18 33.57 -18.87 39.48
CA GLY B 18 33.53 -20.13 38.78
C GLY B 18 32.10 -20.61 38.63
N GLY B 19 31.97 -21.75 37.96
CA GLY B 19 30.66 -22.30 37.71
C GLY B 19 30.03 -21.72 36.46
N SER B 20 28.72 -21.83 36.38
CA SER B 20 27.99 -21.41 35.19
C SER B 20 26.70 -20.71 35.60
N LEU B 21 25.96 -20.26 34.60
CA LEU B 21 24.71 -19.53 34.81
C LEU B 21 24.01 -19.41 33.45
N ARG B 22 22.76 -18.95 33.49
CA ARG B 22 21.99 -18.78 32.27
C ARG B 22 20.92 -17.71 32.47
N LEU B 23 20.83 -16.80 31.50
CA LEU B 23 19.85 -15.72 31.52
C LEU B 23 18.94 -15.83 30.31
N SER B 24 17.66 -15.49 30.50
CA SER B 24 16.67 -15.59 29.45
C SER B 24 16.04 -14.23 29.20
N CYS B 25 15.66 -13.99 27.96
CA CYS B 25 14.97 -12.76 27.61
C CYS B 25 13.76 -13.11 26.77
N ALA B 26 12.59 -12.64 27.21
CA ALA B 26 11.34 -12.89 26.52
C ALA B 26 10.80 -11.58 25.96
N ALA B 27 10.20 -11.66 24.77
CA ALA B 27 9.69 -10.47 24.11
C ALA B 27 8.60 -10.86 23.13
N SER B 28 7.52 -10.08 23.11
CA SER B 28 6.44 -10.25 22.15
C SER B 28 5.93 -8.89 21.71
N GLY B 29 5.48 -8.82 20.46
CA GLY B 29 5.02 -7.59 19.87
C GLY B 29 5.66 -7.40 18.51
N PHE B 30 6.77 -8.08 18.30
CA PHE B 30 7.43 -8.12 17.01
C PHE B 30 7.73 -9.57 16.70
N ASN B 31 7.94 -9.87 15.42
CA ASN B 31 8.32 -11.22 15.05
C ASN B 31 9.62 -11.55 15.77
N PHE B 32 9.56 -12.49 16.72
CA PHE B 32 10.72 -12.76 17.54
C PHE B 32 11.84 -13.41 16.74
N SER B 33 11.51 -13.93 15.56
CA SER B 33 12.54 -14.54 14.73
C SER B 33 13.37 -13.49 14.01
N SER B 34 12.71 -12.54 13.36
CA SER B 34 13.39 -11.57 12.50
C SER B 34 13.71 -10.28 13.28
N SER B 35 14.51 -10.45 14.33
CA SER B 35 14.89 -9.32 15.18
C SER B 35 16.20 -9.68 15.85
N SER B 36 17.29 -9.09 15.38
CA SER B 36 18.60 -9.48 15.88
C SER B 36 18.74 -9.02 17.31
N ILE B 37 18.50 -9.91 18.24
CA ILE B 37 18.65 -9.63 19.66
C ILE B 37 20.13 -9.48 19.99
N HIS B 38 20.45 -8.51 20.84
CA HIS B 38 21.82 -8.23 21.25
C HIS B 38 21.90 -8.07 22.75
N TRP B 39 23.06 -8.41 23.30
CA TRP B 39 23.35 -8.30 24.73
C TRP B 39 24.43 -7.25 24.94
N VAL B 40 24.19 -6.32 25.86
CA VAL B 40 25.10 -5.21 26.11
C VAL B 40 25.23 -5.00 27.61
N ARG B 41 26.45 -4.73 28.04
CA ARG B 41 26.83 -4.74 29.45
C ARG B 41 27.32 -3.36 29.87
N GLN B 42 27.19 -3.11 31.17
CA GLN B 42 27.56 -1.83 31.76
C GLN B 42 28.11 -2.10 33.15
N ALA B 43 29.43 -2.11 33.28
CA ALA B 43 30.06 -2.33 34.56
C ALA B 43 29.65 -1.23 35.55
N PRO B 44 29.87 -1.44 36.84
CA PRO B 44 29.54 -0.39 37.82
C PRO B 44 30.24 0.93 37.54
N GLY B 45 29.46 1.94 37.19
CA GLY B 45 30.01 3.26 36.91
C GLY B 45 31.07 3.28 35.83
N LYS B 46 30.76 2.76 34.65
CA LYS B 46 31.72 2.68 33.56
C LYS B 46 30.97 2.74 32.23
N GLY B 47 31.72 2.60 31.15
CA GLY B 47 31.13 2.62 29.83
C GLY B 47 30.32 1.39 29.55
N LEU B 48 29.84 1.32 28.31
CA LEU B 48 29.11 0.15 27.87
C LEU B 48 30.03 -0.79 27.09
N GLU B 49 29.49 -1.94 26.72
CA GLU B 49 30.23 -2.89 25.91
C GLU B 49 29.25 -3.89 25.31
N TRP B 50 29.67 -4.52 24.21
CA TRP B 50 28.84 -5.51 23.53
C TRP B 50 29.28 -6.90 23.94
N VAL B 51 28.34 -7.85 23.97
CA VAL B 51 28.67 -9.18 24.44
C VAL B 51 28.46 -10.23 23.36
N ALA B 52 27.24 -10.36 22.86
CA ALA B 52 26.95 -11.43 21.91
C ALA B 52 25.87 -10.98 20.94
N SER B 53 25.34 -11.93 20.19
CA SER B 53 24.28 -11.67 19.22
C SER B 53 23.72 -12.98 18.70
N ILE B 54 22.41 -12.99 18.48
CA ILE B 54 21.73 -14.02 17.70
C ILE B 54 20.92 -13.32 16.62
N SER B 55 21.45 -13.32 15.40
CA SER B 55 20.88 -12.48 14.35
C SER B 55 19.45 -12.89 14.02
N SER B 56 19.18 -14.19 14.00
CA SER B 56 17.89 -14.72 13.58
C SER B 56 17.70 -16.10 14.17
N SER B 57 16.77 -16.87 13.63
CA SER B 57 16.72 -18.29 13.94
C SER B 57 18.10 -18.93 13.80
N SER B 58 18.87 -18.50 12.81
CA SER B 58 20.25 -18.94 12.67
C SER B 58 21.08 -18.48 13.86
N GLY B 59 22.07 -19.28 14.23
CA GLY B 59 22.91 -18.92 15.36
C GLY B 59 23.65 -17.61 15.15
N SER B 60 24.50 -17.56 14.13
CA SER B 60 25.33 -16.40 13.82
C SER B 60 25.99 -15.85 15.09
N THR B 61 26.59 -16.75 15.86
CA THR B 61 27.24 -16.37 17.10
C THR B 61 28.43 -15.46 16.81
N SER B 62 28.53 -14.38 17.59
CA SER B 62 29.65 -13.45 17.51
C SER B 62 29.84 -12.86 18.89
N TYR B 63 31.10 -12.69 19.30
CA TYR B 63 31.36 -12.38 20.69
C TYR B 63 32.37 -11.27 20.87
N ALA B 64 32.85 -11.08 22.08
CA ALA B 64 33.72 -9.98 22.43
C ALA B 64 35.12 -10.49 22.73
N ASP B 65 36.10 -9.85 22.12
CA ASP B 65 37.50 -10.25 22.16
C ASP B 65 38.08 -10.25 23.57
N SER B 66 37.31 -9.89 24.59
CA SER B 66 37.77 -9.96 25.96
C SER B 66 37.16 -11.11 26.75
N VAL B 67 35.90 -11.46 26.49
CA VAL B 67 35.24 -12.53 27.21
C VAL B 67 34.65 -13.55 26.24
N LYS B 68 35.26 -13.67 25.06
CA LYS B 68 34.79 -14.65 24.09
C LYS B 68 34.91 -16.07 24.64
N GLY B 69 34.03 -16.94 24.18
CA GLY B 69 34.11 -18.37 24.51
C GLY B 69 33.36 -18.80 25.74
N ARG B 70 33.63 -18.15 26.87
CA ARG B 70 32.98 -18.50 28.12
C ARG B 70 31.46 -18.36 28.05
N PHE B 71 30.94 -17.67 27.04
CA PHE B 71 29.51 -17.47 26.86
C PHE B 71 29.03 -18.25 25.65
N THR B 72 27.74 -18.58 25.67
CA THR B 72 27.05 -19.21 24.54
C THR B 72 25.70 -18.54 24.39
N ILE B 73 25.34 -18.17 23.16
CA ILE B 73 24.10 -17.48 22.89
C ILE B 73 23.24 -18.32 21.97
N SER B 74 22.02 -18.63 22.42
CA SER B 74 21.11 -19.49 21.68
C SER B 74 19.71 -18.89 21.75
N ALA B 75 18.74 -19.59 21.17
CA ALA B 75 17.38 -19.09 21.14
C ALA B 75 16.40 -20.24 21.01
N ASP B 76 15.27 -20.12 21.69
CA ASP B 76 14.12 -21.00 21.50
C ASP B 76 13.09 -20.20 20.70
N THR B 77 13.07 -20.44 19.38
CA THR B 77 12.15 -19.71 18.51
C THR B 77 10.70 -20.10 18.77
N SER B 78 10.45 -21.38 19.04
CA SER B 78 9.09 -21.80 19.37
C SER B 78 8.64 -21.21 20.70
N LYS B 79 9.53 -21.18 21.69
CA LYS B 79 9.22 -20.64 23.00
C LYS B 79 9.50 -19.16 23.11
N ASN B 80 9.74 -18.48 21.98
CA ASN B 80 9.97 -17.03 21.91
C ASN B 80 10.87 -16.53 23.03
N THR B 81 12.08 -17.09 23.08
CA THR B 81 13.03 -16.74 24.14
C THR B 81 14.45 -16.71 23.58
N ALA B 82 15.26 -15.81 24.15
CA ALA B 82 16.68 -15.74 23.84
C ALA B 82 17.46 -16.16 25.08
N TYR B 83 18.47 -16.99 24.90
CA TYR B 83 19.21 -17.58 26.00
C TYR B 83 20.67 -17.19 25.91
N LEU B 84 21.26 -16.86 27.07
CA LEU B 84 22.68 -16.61 27.18
C LEU B 84 23.20 -17.42 28.36
N GLN B 85 23.95 -18.49 28.07
CA GLN B 85 24.48 -19.39 29.08
C GLN B 85 25.97 -19.14 29.22
N MET B 86 26.40 -18.78 30.42
CA MET B 86 27.75 -18.31 30.68
C MET B 86 28.47 -19.30 31.59
N ASN B 87 29.80 -19.36 31.45
CA ASN B 87 30.63 -20.27 32.22
C ASN B 87 31.76 -19.51 32.90
N SER B 88 31.90 -19.69 34.21
CA SER B 88 33.03 -19.18 34.99
C SER B 88 33.19 -17.67 34.84
N LEU B 89 32.17 -16.94 35.31
CA LEU B 89 32.26 -15.49 35.44
C LEU B 89 33.21 -15.18 36.58
N ARG B 90 34.42 -14.75 36.28
CA ARG B 90 35.45 -14.68 37.32
C ARG B 90 35.34 -13.42 38.16
N ALA B 91 35.66 -12.27 37.58
CA ALA B 91 35.49 -11.01 38.30
C ALA B 91 34.99 -9.85 37.46
N GLU B 92 35.22 -9.85 36.14
CA GLU B 92 34.96 -8.69 35.31
C GLU B 92 33.53 -8.64 34.78
N ASP B 93 32.80 -9.75 34.85
CA ASP B 93 31.47 -9.82 34.26
C ASP B 93 30.41 -9.12 35.09
N THR B 94 30.75 -8.60 36.26
CA THR B 94 29.77 -7.92 37.09
C THR B 94 29.28 -6.66 36.40
N ALA B 95 27.98 -6.60 36.15
CA ALA B 95 27.40 -5.51 35.37
C ALA B 95 25.89 -5.56 35.52
N VAL B 96 25.21 -4.81 34.67
CA VAL B 96 23.75 -4.82 34.58
C VAL B 96 23.41 -5.10 33.12
N TYR B 97 23.20 -6.37 32.80
CA TYR B 97 23.07 -6.79 31.42
C TYR B 97 21.74 -6.33 30.82
N TYR B 98 21.78 -6.01 29.53
CA TYR B 98 20.63 -5.46 28.82
C TYR B 98 20.42 -6.21 27.52
N CYS B 99 19.17 -6.57 27.25
CA CYS B 99 18.77 -7.09 25.96
C CYS B 99 18.42 -5.92 25.06
N ALA B 100 18.43 -6.14 23.75
CA ALA B 100 18.09 -5.06 22.85
C ALA B 100 17.77 -5.58 21.46
N ARG B 101 16.99 -4.80 20.72
CA ARG B 101 16.66 -5.12 19.33
C ARG B 101 17.28 -4.06 18.41
N TYR B 102 17.83 -4.52 17.29
CA TYR B 102 18.17 -3.59 16.22
C TYR B 102 16.90 -2.99 15.65
N GLY B 103 16.62 -1.74 16.02
CA GLY B 103 15.37 -1.14 15.63
C GLY B 103 15.27 -0.95 14.12
N TRP B 104 14.04 -0.70 13.67
CA TRP B 104 13.82 -0.40 12.27
C TRP B 104 14.70 0.76 11.83
N GLY B 105 15.59 0.49 10.89
CA GLY B 105 16.52 1.52 10.45
C GLY B 105 15.79 2.68 9.79
N GLY B 106 16.53 3.72 9.45
CA GLY B 106 15.97 4.88 8.80
C GLY B 106 15.29 4.53 7.49
N PRO B 107 14.76 5.55 6.80
CA PRO B 107 13.96 5.27 5.60
C PRO B 107 14.64 4.34 4.62
N TRP B 108 14.04 3.17 4.44
CA TRP B 108 14.62 2.14 3.59
C TRP B 108 14.37 2.45 2.12
N TYR B 109 14.96 3.54 1.64
CA TYR B 109 15.10 3.75 0.21
C TYR B 109 16.55 4.09 -0.08
N TYR B 110 17.23 4.67 0.89
CA TYR B 110 18.61 5.10 0.70
C TYR B 110 19.52 4.79 1.88
N TRP B 111 19.03 4.08 2.89
CA TRP B 111 19.91 3.63 3.95
C TRP B 111 20.29 2.17 3.81
N LEU B 112 20.45 1.70 2.57
CA LEU B 112 21.08 0.40 2.33
C LEU B 112 22.58 0.54 2.12
N ARG B 113 23.04 1.74 1.74
CA ARG B 113 24.48 1.98 1.66
C ARG B 113 25.14 1.84 3.03
N ASP B 114 24.49 2.38 4.07
CA ASP B 114 24.99 2.23 5.43
C ASP B 114 24.36 1.02 6.09
N SER B 115 25.14 0.33 6.90
CA SER B 115 24.65 -0.87 7.56
C SER B 115 23.76 -0.51 8.75
N ARG B 116 23.41 -1.53 9.53
CA ARG B 116 22.47 -1.33 10.62
C ARG B 116 23.18 -0.75 11.84
N SER B 117 22.58 0.29 12.43
CA SER B 117 23.23 0.97 13.54
C SER B 117 22.39 1.13 14.80
N GLY B 118 21.09 1.37 14.71
CA GLY B 118 20.34 1.79 15.86
C GLY B 118 19.97 0.64 16.78
N ILE B 119 19.60 0.99 18.00
CA ILE B 119 19.15 0.04 19.01
C ILE B 119 17.96 0.66 19.72
N ASP B 120 16.76 0.19 19.37
CA ASP B 120 15.53 0.88 19.76
C ASP B 120 15.13 0.61 21.21
N TYR B 121 14.83 -0.64 21.52
CA TYR B 121 14.14 -0.99 22.76
C TYR B 121 15.09 -1.68 23.73
N TRP B 122 14.97 -1.32 25.00
CA TRP B 122 15.85 -1.82 26.03
C TRP B 122 15.05 -2.35 27.22
N GLY B 123 15.50 -3.47 27.77
CA GLY B 123 14.95 -3.97 29.00
C GLY B 123 15.58 -3.30 30.20
N GLN B 124 14.98 -3.53 31.36
CA GLN B 124 15.48 -2.87 32.57
C GLN B 124 16.67 -3.62 33.14
N GLY B 125 16.77 -4.91 32.87
CA GLY B 125 17.92 -5.70 33.27
C GLY B 125 17.99 -5.97 34.76
N THR B 126 18.81 -6.96 35.12
CA THR B 126 19.08 -7.28 36.51
C THR B 126 20.51 -7.79 36.64
N LEU B 127 21.14 -7.46 37.77
CA LEU B 127 22.56 -7.72 37.97
C LEU B 127 22.89 -9.20 37.87
N VAL B 128 24.08 -9.48 37.36
CA VAL B 128 24.63 -10.84 37.32
C VAL B 128 25.97 -10.80 38.03
N THR B 129 26.10 -9.95 39.03
CA THR B 129 27.37 -9.78 39.73
C THR B 129 27.87 -11.10 40.28
N VAL B 130 29.19 -11.21 40.39
CA VAL B 130 29.83 -12.46 40.81
C VAL B 130 30.98 -12.14 41.75
N SER B 131 30.97 -12.74 42.93
CA SER B 131 32.05 -12.60 43.89
C SER B 131 31.99 -13.76 44.86
N SER B 132 32.96 -13.80 45.77
CA SER B 132 33.03 -14.84 46.77
C SER B 132 31.96 -14.66 47.85
N SER C 1 36.80 -7.16 12.23
CA SER C 1 37.72 -6.04 12.07
C SER C 1 38.30 -5.61 13.42
N ASP C 2 38.79 -4.38 13.48
CA ASP C 2 39.36 -3.80 14.69
C ASP C 2 38.81 -2.38 14.89
N ILE C 3 37.50 -2.23 14.78
CA ILE C 3 36.88 -0.92 14.82
C ILE C 3 36.85 -0.41 16.26
N GLN C 4 37.51 0.72 16.50
CA GLN C 4 37.48 1.39 17.78
C GLN C 4 36.81 2.75 17.64
N MET C 5 36.59 3.40 18.78
CA MET C 5 36.02 4.74 18.79
C MET C 5 36.44 5.45 20.06
N THR C 6 36.82 6.71 19.95
CA THR C 6 37.23 7.49 21.10
C THR C 6 36.33 8.71 21.25
N GLN C 7 36.32 9.27 22.45
CA GLN C 7 35.41 10.35 22.81
C GLN C 7 36.19 11.34 23.67
N SER C 8 36.62 12.44 23.06
CA SER C 8 37.56 13.33 23.73
C SER C 8 36.98 14.00 24.96
N PRO C 9 35.85 14.72 24.89
CA PRO C 9 35.36 15.39 26.11
C PRO C 9 34.91 14.38 27.14
N SER C 10 35.03 14.77 28.40
CA SER C 10 34.59 13.93 29.51
C SER C 10 33.80 14.67 30.57
N SER C 11 33.81 16.00 30.59
CA SER C 11 32.99 16.77 31.51
C SER C 11 32.81 18.16 30.90
N LEU C 12 31.62 18.42 30.39
CA LEU C 12 31.30 19.70 29.77
C LEU C 12 30.47 20.55 30.71
N SER C 13 30.54 21.86 30.52
CA SER C 13 29.87 22.79 31.42
C SER C 13 29.02 23.80 30.66
N ALA C 14 28.23 23.32 29.71
CA ALA C 14 27.38 24.21 28.94
C ALA C 14 26.26 24.78 29.80
N SER C 15 25.79 25.97 29.40
CA SER C 15 24.67 26.62 30.06
C SER C 15 23.40 26.45 29.23
N VAL C 16 22.30 26.96 29.74
CA VAL C 16 21.01 26.79 29.08
C VAL C 16 21.03 27.51 27.73
N GLY C 17 20.47 26.86 26.71
CA GLY C 17 20.40 27.45 25.39
C GLY C 17 21.76 27.73 24.76
N ASP C 18 22.53 26.66 24.52
CA ASP C 18 23.86 26.81 23.97
C ASP C 18 24.06 25.86 22.80
N ARG C 19 25.30 25.73 22.33
CA ARG C 19 25.64 24.95 21.14
C ARG C 19 26.83 24.03 21.42
N VAL C 20 26.73 23.25 22.50
CA VAL C 20 27.68 22.19 22.81
C VAL C 20 27.92 21.33 21.58
N THR C 21 29.16 20.85 21.41
CA THR C 21 29.66 20.26 20.18
C THR C 21 30.36 18.93 20.47
N ILE C 22 29.68 18.02 21.16
CA ILE C 22 30.29 16.76 21.58
C ILE C 22 30.80 16.00 20.36
N THR C 23 32.08 15.61 20.38
CA THR C 23 32.71 15.04 19.20
C THR C 23 33.47 13.78 19.53
N CYS C 24 33.06 12.68 18.91
CA CYS C 24 33.78 11.42 18.94
C CYS C 24 34.64 11.31 17.68
N ARG C 25 35.64 10.43 17.75
CA ARG C 25 36.55 10.24 16.64
C ARG C 25 36.64 8.75 16.32
N ALA C 26 36.54 8.43 15.03
CA ALA C 26 36.64 7.06 14.54
C ALA C 26 38.12 6.70 14.43
N SER C 27 38.56 5.76 15.27
CA SER C 27 39.97 5.38 15.25
C SER C 27 40.31 4.60 14.00
N GLN C 28 39.54 3.56 13.69
CA GLN C 28 39.84 2.70 12.55
C GLN C 28 38.55 2.39 11.79
N SER C 29 38.65 2.33 10.46
CA SER C 29 37.59 1.84 9.59
C SER C 29 36.30 2.64 9.77
N VAL C 30 36.36 3.90 9.34
CA VAL C 30 35.18 4.75 9.32
C VAL C 30 34.09 4.03 8.54
N SER C 31 32.97 3.75 9.20
CA SER C 31 31.95 2.89 8.63
C SER C 31 30.69 3.62 8.23
N SER C 32 30.55 4.89 8.60
CA SER C 32 29.31 5.65 8.39
C SER C 32 28.10 4.90 8.95
N ALA C 33 28.24 4.31 10.12
CA ALA C 33 27.17 3.56 10.77
C ALA C 33 27.11 3.89 12.25
N VAL C 34 27.25 5.16 12.60
CA VAL C 34 27.31 5.57 13.97
C VAL C 34 25.90 5.69 14.53
N ALA C 35 25.79 5.76 15.84
CA ALA C 35 24.53 6.02 16.51
C ALA C 35 24.82 6.65 17.85
N TRP C 36 24.00 7.65 18.20
CA TRP C 36 24.18 8.41 19.42
C TRP C 36 23.01 8.15 20.35
N TYR C 37 23.32 7.63 21.54
CA TYR C 37 22.36 7.30 22.58
C TYR C 37 22.52 8.25 23.76
N GLN C 38 21.48 8.31 24.58
CA GLN C 38 21.43 9.15 25.77
C GLN C 38 20.99 8.31 26.96
N GLN C 39 21.59 8.57 28.11
CA GLN C 39 21.31 7.78 29.30
C GLN C 39 21.31 8.67 30.54
N LYS C 40 20.27 8.57 31.31
CA LYS C 40 20.09 9.18 32.61
C LYS C 40 20.42 8.18 33.70
N PRO C 41 20.65 8.63 34.94
CA PRO C 41 21.07 7.69 35.99
C PRO C 41 19.99 6.67 36.33
N GLY C 42 20.41 5.41 36.41
CA GLY C 42 19.52 4.34 36.82
C GLY C 42 18.38 4.06 35.86
N LYS C 43 18.62 4.20 34.57
CA LYS C 43 17.58 4.01 33.57
C LYS C 43 18.19 3.28 32.38
N ALA C 44 17.38 3.11 31.35
CA ALA C 44 17.91 2.40 30.21
C ALA C 44 18.05 3.33 29.03
N PRO C 45 19.15 3.25 28.30
CA PRO C 45 19.44 4.26 27.28
C PRO C 45 18.38 4.30 26.20
N LYS C 46 18.29 5.47 25.55
CA LYS C 46 17.36 5.72 24.47
C LYS C 46 18.13 6.08 23.22
N LEU C 47 17.48 5.99 22.08
CA LEU C 47 18.15 6.32 20.82
C LEU C 47 17.85 7.77 20.45
N LEU C 48 18.92 8.58 20.34
CA LEU C 48 18.77 9.94 19.86
C LEU C 48 18.91 10.02 18.35
N ILE C 49 20.02 9.53 17.81
CA ILE C 49 20.29 9.66 16.38
C ILE C 49 20.93 8.38 15.86
N TYR C 50 20.62 8.00 14.63
CA TYR C 50 21.24 6.83 14.03
C TYR C 50 21.62 7.10 12.58
N SER C 51 22.83 6.68 12.24
CA SER C 51 23.51 6.95 10.97
C SER C 51 23.94 8.42 10.84
N ALA C 52 23.99 9.13 11.96
CA ALA C 52 24.55 10.46 12.13
C ALA C 52 23.70 11.57 11.52
N SER C 53 22.64 11.25 10.78
CA SER C 53 21.79 12.27 10.20
C SER C 53 20.36 12.21 10.68
N SER C 54 19.72 11.04 10.57
CA SER C 54 18.30 10.92 10.90
C SER C 54 18.06 11.00 12.40
N LEU C 55 16.79 10.94 12.78
CA LEU C 55 16.38 11.01 14.17
C LEU C 55 15.45 9.86 14.50
N TYR C 56 15.14 9.74 15.79
CA TYR C 56 14.22 8.74 16.29
C TYR C 56 12.86 9.38 16.51
N SER C 57 11.82 8.71 16.02
CA SER C 57 10.50 9.31 15.99
C SER C 57 9.96 9.53 17.40
N GLY C 58 10.01 10.78 17.85
CA GLY C 58 9.56 11.12 19.19
C GLY C 58 10.54 12.05 19.88
N VAL C 59 11.75 12.13 19.35
CA VAL C 59 12.81 12.91 19.98
C VAL C 59 12.64 14.38 19.61
N PRO C 60 12.81 15.32 20.54
CA PRO C 60 12.70 16.73 20.21
C PRO C 60 13.62 17.12 19.06
N SER C 61 13.16 18.08 18.26
CA SER C 61 13.84 18.47 17.04
C SER C 61 15.07 19.32 17.29
N ARG C 62 15.46 19.54 18.55
CA ARG C 62 16.67 20.31 18.83
C ARG C 62 17.92 19.58 18.38
N PHE C 63 18.07 18.32 18.78
CA PHE C 63 19.31 17.58 18.58
C PHE C 63 19.69 17.50 17.11
N SER C 64 20.93 17.88 16.80
CA SER C 64 21.41 17.80 15.43
C SER C 64 22.75 17.09 15.41
N GLY C 65 22.82 15.99 14.69
CA GLY C 65 24.05 15.25 14.51
C GLY C 65 24.57 15.47 13.11
N SER C 66 25.90 15.36 12.94
CA SER C 66 26.52 15.63 11.66
C SER C 66 27.80 14.82 11.52
N ARG C 67 28.21 14.63 10.27
CA ARG C 67 29.37 13.82 9.91
C ARG C 67 30.35 14.69 9.14
N SER C 68 31.60 14.70 9.59
CA SER C 68 32.67 15.46 8.94
C SER C 68 33.95 14.62 8.98
N GLY C 69 34.40 14.18 7.81
CA GLY C 69 35.67 13.50 7.73
C GLY C 69 35.66 12.22 8.55
N THR C 70 36.38 12.24 9.66
CA THR C 70 36.51 11.11 10.56
C THR C 70 36.05 11.43 11.97
N ASP C 71 35.51 12.62 12.20
CA ASP C 71 35.10 13.05 13.53
C ASP C 71 33.63 13.44 13.48
N PHE C 72 32.75 12.52 13.81
CA PHE C 72 31.33 12.83 13.92
C PHE C 72 31.10 13.82 15.05
N THR C 73 30.01 14.58 14.96
CA THR C 73 29.72 15.57 15.97
C THR C 73 28.23 15.61 16.29
N LEU C 74 27.93 16.02 17.52
CA LEU C 74 26.56 16.16 17.99
C LEU C 74 26.43 17.52 18.66
N THR C 75 25.58 18.36 18.08
CA THR C 75 25.29 19.68 18.61
C THR C 75 23.87 19.69 19.15
N ILE C 76 23.74 20.04 20.43
CA ILE C 76 22.44 20.31 21.02
C ILE C 76 22.10 21.74 20.68
N SER C 77 20.99 21.95 19.95
CA SER C 77 20.69 23.27 19.41
C SER C 77 20.58 24.31 20.52
N SER C 78 19.88 23.98 21.59
CA SER C 78 19.77 24.85 22.76
C SER C 78 19.36 23.99 23.94
N LEU C 79 20.18 24.00 24.98
CA LEU C 79 19.96 23.11 26.10
C LEU C 79 18.62 23.40 26.78
N GLN C 80 18.17 22.44 27.57
CA GLN C 80 16.92 22.48 28.30
C GLN C 80 17.16 21.81 29.64
N PRO C 81 16.22 21.91 30.58
CA PRO C 81 16.44 21.26 31.89
C PRO C 81 16.35 19.75 31.86
N GLU C 82 15.76 19.17 30.82
CA GLU C 82 15.60 17.72 30.72
C GLU C 82 16.64 17.07 29.82
N ASP C 83 17.87 17.61 29.78
CA ASP C 83 18.87 17.14 28.85
C ASP C 83 20.19 16.74 29.50
N PHE C 84 20.46 17.19 30.71
CA PHE C 84 21.76 16.91 31.33
C PHE C 84 21.90 15.44 31.70
N ALA C 85 22.57 14.67 30.86
CA ALA C 85 22.76 13.23 31.07
C ALA C 85 24.05 12.83 30.39
N THR C 86 24.26 11.52 30.23
CA THR C 86 25.44 11.01 29.56
C THR C 86 25.09 10.65 28.12
N TYR C 87 26.04 10.86 27.21
CA TYR C 87 25.83 10.67 25.78
C TYR C 87 26.86 9.69 25.25
N TYR C 88 26.41 8.65 24.57
CA TYR C 88 27.28 7.58 24.08
C TYR C 88 27.24 7.51 22.57
N CYS C 89 28.39 7.21 21.97
CA CYS C 89 28.54 7.14 20.52
C CYS C 89 29.00 5.73 20.17
N GLN C 90 28.14 4.98 19.50
CA GLN C 90 28.41 3.58 19.22
C GLN C 90 28.57 3.37 17.73
N GLN C 91 29.41 2.40 17.38
CA GLN C 91 29.70 2.04 15.99
C GLN C 91 29.46 0.56 15.79
N SER C 92 28.92 0.20 14.63
CA SER C 92 28.49 -1.16 14.39
C SER C 92 28.78 -1.56 12.96
N SER C 93 29.19 -2.81 12.77
CA SER C 93 29.48 -3.30 11.43
C SER C 93 29.48 -4.81 11.36
N SER C 94 28.57 -5.37 10.55
CA SER C 94 28.57 -6.78 10.17
C SER C 94 28.70 -7.69 11.40
N SER C 95 27.88 -7.40 12.41
CA SER C 95 27.87 -8.12 13.68
C SER C 95 29.19 -7.95 14.44
N LEU C 96 29.63 -6.71 14.59
CA LEU C 96 30.65 -6.33 15.55
C LEU C 96 30.35 -4.92 16.03
N ILE C 97 30.20 -4.75 17.34
CA ILE C 97 29.78 -3.49 17.95
C ILE C 97 30.91 -2.97 18.80
N THR C 98 31.06 -1.64 18.86
CA THR C 98 32.00 -1.01 19.76
C THR C 98 31.40 0.27 20.31
N PHE C 99 31.78 0.61 21.53
CA PHE C 99 31.17 1.70 22.28
C PHE C 99 32.20 2.77 22.61
N GLY C 100 31.78 3.76 23.41
CA GLY C 100 32.60 4.89 23.72
C GLY C 100 32.44 5.27 25.18
N GLN C 101 33.41 6.04 25.67
CA GLN C 101 33.51 6.30 27.10
C GLN C 101 32.48 7.30 27.57
N GLY C 102 31.76 7.92 26.66
CA GLY C 102 30.64 8.76 27.03
C GLY C 102 31.06 10.14 27.48
N THR C 103 30.43 11.17 26.92
CA THR C 103 30.56 12.53 27.41
C THR C 103 29.50 12.78 28.46
N LYS C 104 29.90 13.35 29.59
CA LYS C 104 28.98 13.69 30.66
C LYS C 104 28.88 15.21 30.76
N VAL C 105 27.74 15.76 30.36
CA VAL C 105 27.51 17.19 30.41
C VAL C 105 27.09 17.57 31.81
N GLU C 106 27.39 18.81 32.17
CA GLU C 106 26.93 19.39 33.44
C GLU C 106 26.87 20.90 33.24
N ILE C 107 26.71 21.63 34.35
CA ILE C 107 26.54 23.06 34.26
C ILE C 107 27.75 23.77 34.85
C10 FY5 D . -10.30 -7.36 -17.92
C13 FY5 D . -16.08 -5.57 -17.15
C15 FY5 D . -14.97 -6.01 -14.90
C17 FY5 D . -16.21 -5.59 -12.85
C01 FY5 D . -12.21 -8.71 -17.35
C02 FY5 D . -11.54 -7.34 -17.03
C03 FY5 D . -11.28 -7.17 -15.53
C04 FY5 D . -12.40 -6.40 -14.83
C05 FY5 D . -13.72 -6.47 -15.61
C06 FY5 D . -13.59 -5.77 -16.97
C07 FY5 D . -12.25 -6.12 -17.60
C08 FY5 D . -12.13 -6.34 -19.11
C09 FY5 D . -10.64 -6.66 -19.22
C12 FY5 D . -14.82 -6.15 -17.80
C14 FY5 D . -16.08 -5.59 -15.64
C16 FY5 D . -15.07 -6.00 -13.50
C18 FY5 D . -17.31 -5.19 -13.60
C19 FY5 D . -17.24 -5.18 -14.98
O11 FY5 D . -9.22 -7.82 -17.63
O20 FY5 D . -18.47 -4.77 -12.89
O22 FY5 D . -20.84 -4.54 -12.64
O23 FY5 D . -19.98 -5.83 -14.50
O24 FY5 D . -19.76 -6.67 -12.24
S21 FY5 D . -19.88 -5.52 -13.10
CAA Y01 E . 16.12 6.06 -11.70
CBA Y01 E . 14.63 6.33 -11.64
CAB Y01 E . 14.35 7.68 -11.01
CAN Y01 E . 13.89 5.21 -10.90
CAJ Y01 E . 14.33 4.98 -9.47
CAO Y01 E . 13.56 3.88 -8.79
CBB Y01 E . 13.95 3.61 -7.33
CAC Y01 E . 13.77 4.86 -6.48
CBE Y01 E . 13.17 2.40 -6.79
CAP Y01 E . 13.46 1.09 -7.58
CAQ Y01 E . 13.41 -0.07 -6.56
CBG Y01 E . 12.68 0.56 -5.38
CBI Y01 E . 13.31 1.97 -5.30
CAE Y01 E . 14.79 1.91 -4.90
CAU Y01 E . 12.49 2.77 -4.28
CAS Y01 E . 12.44 2.06 -2.91
CBF Y01 E . 11.88 0.63 -3.00
CBD Y01 E . 12.63 -0.21 -4.06
CAK Y01 E . 11.91 -1.54 -4.26
CAI Y01 E . 11.46 -2.15 -2.97
CAZ Y01 E . 11.46 -1.54 -1.79
CAV Y01 E . 11.04 -2.28 -0.54
CBH Y01 E . 11.82 -0.07 -1.62
CAD Y01 E . 13.18 0.00 -0.88
CAT Y01 E . 10.73 0.61 -0.76
CAR Y01 E . 10.36 -0.15 0.50
CBC Y01 E . 9.92 -1.55 0.18
OAW Y01 E . 9.62 -2.28 1.40
CAY Y01 E . 10.58 -2.40 2.31
OAG Y01 E . 11.70 -1.98 2.17
CAM Y01 E . 10.11 -3.12 3.55
CAL Y01 E . 10.11 -2.32 4.82
CAX Y01 E . 9.58 -3.06 6.04
OAH Y01 E . 9.20 -4.24 5.89
OAF Y01 E . 9.54 -2.45 7.13
#